data_9W69
#
_entry.id   9W69
#
_cell.length_a   80.254
_cell.length_b   57.939
_cell.length_c   102.143
_cell.angle_alpha   90.00
_cell.angle_beta   112.16
_cell.angle_gamma   90.00
#
_symmetry.space_group_name_H-M   'P 1 21 1'
#
loop_
_entity.id
_entity.type
_entity.pdbx_description
1 polymer 'Probable methyltransferase EP424R'
2 water water
#
_entity_poly.entity_id   1
_entity_poly.type   'polypeptide(L)'
_entity_poly.pdbx_seq_one_letter_code
;MSNYYYYYGGGRYDWLKTVEPTNFLKIGLPYQAHPLHLQHQATTPPSILEKFKRADILLNEVKAEMDPLMLQPETEKKLF
QILSSIDMFKGLRKKVEFTYNAQIVTNAWLKMYELLNTMNFNNTSQAFCNCELPGGFISAINHFNYTMMHYPTFNWVASS
LYPSSETDALEDHYGLYQCNPDNWLMQSPLLKKNIDYNNGDVTIASNVKNLALRATQRLTPIHLYTADGGINVGHDYNKQ
EELNLKLHFGQALTGLLSLSKGGNMILKHYTLNHAFTLSLICVFSHFFEELYITKPTSSRPTNSETYIVGKNRLRLFTPK
EEQVLLKRLEFFNDTPLVDLSLYQNLLESVYFAVETIHLKQQIEFLNFGMKCYRHFYNKIKLLNDYLAPKKKIFQDRWRV
LNKLYVLEKKHKLKLCASHHHHHH
;
_entity_poly.pdbx_strand_id   A,B
#
# COMPACT_ATOMS: atom_id res chain seq x y z
N ARG A 12 39.17 6.55 -14.90
CA ARG A 12 38.64 7.90 -14.67
C ARG A 12 37.13 7.86 -14.51
N TYR A 13 36.61 8.78 -13.71
CA TYR A 13 35.18 9.04 -13.68
C TYR A 13 34.83 10.31 -14.45
N ASP A 14 35.66 10.64 -15.45
CA ASP A 14 35.47 11.83 -16.27
C ASP A 14 34.14 11.84 -16.99
N TRP A 15 33.60 10.66 -17.32
CA TRP A 15 32.25 10.61 -17.89
C TRP A 15 31.24 11.23 -16.95
N LEU A 16 31.39 11.00 -15.64
CA LEU A 16 30.54 11.68 -14.67
C LEU A 16 30.81 13.18 -14.66
N LYS A 17 32.08 13.57 -14.82
CA LYS A 17 32.41 14.99 -14.76
C LYS A 17 31.93 15.76 -15.97
N THR A 18 31.72 15.08 -17.10
CA THR A 18 31.35 15.74 -18.36
C THR A 18 29.86 15.67 -18.66
N VAL A 19 29.01 15.38 -17.68
CA VAL A 19 27.59 15.26 -18.00
C VAL A 19 27.01 16.65 -18.26
N GLU A 20 26.25 16.76 -19.32
CA GLU A 20 25.57 17.97 -19.73
C GLU A 20 24.08 17.85 -19.45
N PRO A 21 23.40 18.97 -19.19
CA PRO A 21 21.94 18.94 -19.13
C PRO A 21 21.36 18.45 -20.45
N THR A 22 20.15 17.91 -20.36
CA THR A 22 19.40 17.56 -21.55
C THR A 22 18.66 18.80 -22.07
N ASN A 23 18.13 18.69 -23.27
CA ASN A 23 17.36 19.77 -23.86
C ASN A 23 15.90 19.37 -23.98
N PHE A 24 15.04 20.39 -24.03
CA PHE A 24 13.67 20.18 -24.47
C PHE A 24 13.69 19.71 -25.91
N LEU A 25 13.16 18.52 -26.16
CA LEU A 25 13.16 17.92 -27.49
C LEU A 25 11.77 18.08 -28.10
N LYS A 26 11.72 18.66 -29.30
CA LYS A 26 10.47 19.07 -29.92
C LYS A 26 10.55 18.82 -31.42
N ILE A 27 9.72 17.91 -31.91
CA ILE A 27 9.73 17.51 -33.32
C ILE A 27 8.39 17.90 -33.92
N GLY A 28 8.41 18.85 -34.86
CA GLY A 28 7.19 19.28 -35.50
C GLY A 28 6.69 18.29 -36.52
N LEU A 29 5.37 18.27 -36.69
CA LEU A 29 4.74 17.33 -37.59
C LEU A 29 3.95 18.06 -38.66
N PRO A 30 3.87 17.51 -39.88
CA PRO A 30 3.16 18.21 -40.95
C PRO A 30 1.66 18.05 -40.81
N TYR A 31 0.95 19.18 -40.89
CA TYR A 31 -0.50 19.15 -40.98
C TYR A 31 -0.89 18.55 -42.33
N GLN A 32 -2.01 17.83 -42.35
CA GLN A 32 -2.41 17.08 -43.53
C GLN A 32 -3.50 17.83 -44.29
N ALA A 33 -3.24 18.10 -45.57
CA ALA A 33 -4.18 18.86 -46.38
C ALA A 33 -5.43 18.06 -46.71
N HIS A 34 -5.25 16.79 -47.07
CA HIS A 34 -6.31 16.02 -47.70
C HIS A 34 -7.41 15.68 -46.69
N PRO A 35 -8.61 15.40 -47.18
CA PRO A 35 -9.70 15.04 -46.27
C PRO A 35 -9.37 13.79 -45.47
N LEU A 36 -9.82 13.77 -44.22
CA LEU A 36 -9.59 12.62 -43.37
C LEU A 36 -10.59 11.51 -43.72
N HIS A 37 -10.08 10.32 -43.99
CA HIS A 37 -10.89 9.17 -44.32
C HIS A 37 -10.66 8.10 -43.24
N LEU A 38 -11.65 7.96 -42.34
CA LEU A 38 -11.54 6.99 -41.26
C LEU A 38 -11.67 5.58 -41.82
N GLN A 39 -10.65 4.75 -41.57
CA GLN A 39 -10.54 3.46 -42.23
C GLN A 39 -11.63 2.49 -41.78
N HIS A 40 -12.17 1.75 -42.74
CA HIS A 40 -13.13 0.69 -42.49
C HIS A 40 -12.54 -0.70 -42.67
N GLN A 41 -11.47 -0.83 -43.44
CA GLN A 41 -10.84 -2.12 -43.71
C GLN A 41 -9.34 -2.05 -43.47
N ALA A 42 -8.79 -3.12 -42.91
CA ALA A 42 -7.35 -3.25 -42.78
C ALA A 42 -6.67 -3.08 -44.13
N THR A 43 -5.54 -2.36 -44.13
CA THR A 43 -4.81 -2.08 -45.40
C THR A 43 -3.36 -2.56 -45.24
N THR A 44 -2.66 -2.79 -46.36
CA THR A 44 -1.25 -3.25 -46.31
C THR A 44 -0.41 -2.15 -45.65
N PRO A 45 0.44 -2.47 -44.64
CA PRO A 45 1.23 -1.46 -43.93
C PRO A 45 2.30 -0.82 -44.81
N PRO A 46 2.59 0.50 -44.66
CA PRO A 46 3.68 1.15 -45.40
C PRO A 46 5.02 0.55 -44.94
N SER A 47 6.03 0.55 -45.83
CA SER A 47 7.30 -0.07 -45.47
C SER A 47 7.90 0.54 -44.22
N ILE A 48 7.62 1.82 -43.96
CA ILE A 48 8.25 2.51 -42.83
C ILE A 48 7.84 1.88 -41.50
N LEU A 49 6.73 1.14 -41.46
CA LEU A 49 6.34 0.49 -40.22
C LEU A 49 7.34 -0.58 -39.80
N GLU A 50 8.02 -1.20 -40.77
CA GLU A 50 9.10 -2.13 -40.43
C GLU A 50 10.23 -1.41 -39.70
N LYS A 51 10.47 -0.14 -40.05
CA LYS A 51 11.43 0.68 -39.31
C LYS A 51 10.96 0.89 -37.88
N PHE A 52 9.68 1.25 -37.71
CA PHE A 52 9.15 1.45 -36.37
C PHE A 52 9.20 0.17 -35.55
N LYS A 53 9.03 -0.99 -36.20
CA LYS A 53 9.14 -2.25 -35.49
C LYS A 53 10.57 -2.56 -35.11
N ARG A 54 11.54 -2.18 -35.95
CA ARG A 54 12.93 -2.31 -35.56
C ARG A 54 13.23 -1.47 -34.32
N ALA A 55 12.66 -0.27 -34.26
CA ALA A 55 12.86 0.59 -33.10
C ALA A 55 12.29 -0.03 -31.84
N ASP A 56 11.15 -0.71 -31.95
CA ASP A 56 10.53 -1.33 -30.78
C ASP A 56 11.42 -2.45 -30.23
N ILE A 57 11.89 -3.33 -31.12
CA ILE A 57 12.72 -4.46 -30.67
C ILE A 57 13.96 -3.95 -29.96
N LEU A 58 14.67 -3.00 -30.57
CA LEU A 58 15.93 -2.53 -30.01
C LEU A 58 15.73 -1.83 -28.68
N LEU A 59 14.72 -0.95 -28.60
CA LEU A 59 14.45 -0.23 -27.36
C LEU A 59 14.08 -1.21 -26.25
N ASN A 60 13.36 -2.28 -26.59
CA ASN A 60 13.08 -3.31 -25.60
C ASN A 60 14.32 -4.12 -25.27
N GLU A 61 15.25 -4.24 -26.22
CA GLU A 61 16.51 -4.93 -25.94
C GLU A 61 17.30 -4.19 -24.86
N VAL A 62 17.47 -2.88 -25.00
CA VAL A 62 18.17 -2.11 -23.98
C VAL A 62 17.39 -2.12 -22.67
N LYS A 63 16.06 -2.07 -22.75
CA LYS A 63 15.25 -2.13 -21.54
C LYS A 63 15.43 -3.47 -20.83
N ALA A 64 15.56 -4.55 -21.60
CA ALA A 64 15.73 -5.87 -21.01
C ALA A 64 17.07 -6.03 -20.30
N GLU A 65 18.03 -5.13 -20.57
CA GLU A 65 19.35 -5.28 -19.97
C GLU A 65 19.30 -5.27 -18.45
N MET A 66 18.32 -4.61 -17.87
CA MET A 66 18.18 -4.58 -16.42
C MET A 66 17.47 -5.81 -15.85
N ASP A 67 17.04 -6.73 -16.71
CA ASP A 67 16.37 -7.95 -16.25
C ASP A 67 17.17 -8.76 -15.23
N PRO A 68 18.48 -8.99 -15.39
CA PRO A 68 19.19 -9.81 -14.39
C PRO A 68 19.15 -9.22 -13.00
N LEU A 69 19.25 -7.89 -12.88
CA LEU A 69 19.24 -7.26 -11.57
C LEU A 69 17.89 -7.33 -10.88
N MET A 70 16.81 -7.52 -11.64
CA MET A 70 15.47 -7.57 -11.06
C MET A 70 15.17 -8.88 -10.35
N LEU A 71 15.92 -9.94 -10.65
CA LEU A 71 15.59 -11.26 -10.10
C LEU A 71 15.83 -11.32 -8.60
N GLN A 72 16.91 -10.73 -8.12
CA GLN A 72 17.11 -10.79 -6.68
C GLN A 72 16.71 -9.47 -6.04
N PRO A 73 15.99 -9.53 -4.91
CA PRO A 73 15.55 -8.28 -4.27
C PRO A 73 16.70 -7.40 -3.81
N GLU A 74 17.84 -8.00 -3.48
CA GLU A 74 19.00 -7.22 -3.06
C GLU A 74 19.50 -6.32 -4.17
N THR A 75 19.80 -6.89 -5.34
CA THR A 75 20.26 -6.09 -6.47
C THR A 75 19.14 -5.23 -7.04
N GLU A 76 17.89 -5.67 -6.87
CA GLU A 76 16.74 -4.85 -7.26
C GLU A 76 16.76 -3.50 -6.55
N LYS A 77 17.11 -3.50 -5.26
CA LYS A 77 17.13 -2.28 -4.47
C LYS A 77 18.30 -1.40 -4.86
N LYS A 78 19.49 -1.98 -5.03
CA LYS A 78 20.64 -1.23 -5.49
C LYS A 78 20.37 -0.59 -6.85
N LEU A 79 19.66 -1.31 -7.73
CA LEU A 79 19.34 -0.75 -9.04
C LEU A 79 18.48 0.50 -8.91
N PHE A 80 17.47 0.46 -8.04
CA PHE A 80 16.58 1.59 -7.91
C PHE A 80 17.22 2.74 -7.14
N GLN A 81 18.17 2.44 -6.25
CA GLN A 81 18.99 3.51 -5.66
C GLN A 81 19.80 4.21 -6.74
N ILE A 82 20.44 3.43 -7.61
CA ILE A 82 21.26 3.99 -8.68
C ILE A 82 20.44 4.88 -9.59
N LEU A 83 19.24 4.43 -9.96
CA LEU A 83 18.38 5.22 -10.83
C LEU A 83 17.95 6.51 -10.13
N SER A 84 17.66 6.44 -8.83
CA SER A 84 17.40 7.66 -8.07
C SER A 84 18.62 8.57 -8.06
N SER A 85 19.81 7.99 -7.89
CA SER A 85 21.03 8.79 -7.79
C SER A 85 21.29 9.60 -9.05
N ILE A 86 20.88 9.10 -10.22
CA ILE A 86 21.20 9.74 -11.49
C ILE A 86 20.05 10.60 -12.00
N ASP A 87 19.01 10.80 -11.20
CA ASP A 87 17.96 11.77 -11.54
C ASP A 87 18.45 13.15 -11.13
N MET A 88 18.69 14.01 -12.11
CA MET A 88 19.29 15.31 -11.85
C MET A 88 18.31 16.32 -11.27
N PHE A 89 17.01 16.02 -11.24
CA PHE A 89 15.99 16.98 -10.82
C PHE A 89 15.40 16.66 -9.45
N LYS A 90 16.05 15.79 -8.68
CA LYS A 90 15.41 15.22 -7.50
C LYS A 90 14.99 16.30 -6.50
N GLY A 91 15.81 17.31 -6.30
CA GLY A 91 15.51 18.32 -5.31
C GLY A 91 14.63 19.45 -5.76
N LEU A 92 14.23 19.49 -7.04
CA LEU A 92 13.61 20.67 -7.61
C LEU A 92 12.17 20.85 -7.19
N ARG A 93 11.42 19.75 -7.02
CA ARG A 93 10.02 19.85 -6.62
C ARG A 93 9.89 20.57 -5.28
N LYS A 94 10.61 20.09 -4.26
CA LYS A 94 10.55 20.72 -2.95
C LYS A 94 10.99 22.17 -3.01
N LYS A 95 11.98 22.47 -3.85
CA LYS A 95 12.43 23.86 -3.99
C LYS A 95 11.33 24.73 -4.61
N VAL A 96 10.79 24.30 -5.75
CA VAL A 96 9.74 25.07 -6.41
C VAL A 96 8.56 25.28 -5.46
N GLU A 97 8.25 24.28 -4.64
CA GLU A 97 7.08 24.34 -3.78
C GLU A 97 7.23 25.43 -2.71
N PHE A 98 8.36 25.45 -2.02
CA PHE A 98 8.53 26.43 -0.96
C PHE A 98 8.72 27.84 -1.49
N THR A 99 9.54 27.99 -2.54
CA THR A 99 9.91 29.32 -2.99
C THR A 99 8.71 30.09 -3.52
N TYR A 100 7.80 29.41 -4.23
CA TYR A 100 6.78 30.10 -5.01
C TYR A 100 5.35 29.76 -4.62
N ASN A 101 5.12 29.15 -3.46
CA ASN A 101 3.77 28.77 -3.02
C ASN A 101 3.06 27.90 -4.06
N ALA A 102 3.82 27.13 -4.84
CA ALA A 102 3.20 26.23 -5.80
C ALA A 102 2.60 25.04 -5.05
N GLN A 103 1.45 24.59 -5.54
CA GLN A 103 0.70 23.51 -4.89
C GLN A 103 0.80 22.24 -5.72
N ILE A 104 0.77 21.10 -5.03
CA ILE A 104 0.77 19.79 -5.66
C ILE A 104 1.93 19.72 -6.65
N VAL A 105 3.13 20.09 -6.19
CA VAL A 105 4.29 20.10 -7.07
C VAL A 105 4.82 18.67 -7.18
N THR A 106 4.06 17.82 -7.85
CA THR A 106 4.55 16.51 -8.27
C THR A 106 5.37 16.68 -9.54
N ASN A 107 5.87 15.58 -10.09
CA ASN A 107 6.57 15.68 -11.36
C ASN A 107 5.63 16.12 -12.49
N ALA A 108 4.34 15.80 -12.36
CA ALA A 108 3.36 16.30 -13.33
C ALA A 108 3.36 17.82 -13.36
N TRP A 109 3.55 18.45 -12.20
CA TRP A 109 3.59 19.91 -12.12
C TRP A 109 4.73 20.46 -12.96
N LEU A 110 5.95 19.98 -12.71
CA LEU A 110 7.11 20.46 -13.46
C LEU A 110 6.92 20.27 -14.96
N LYS A 111 6.48 19.08 -15.36
CA LYS A 111 6.32 18.78 -16.78
C LYS A 111 5.30 19.72 -17.43
N MET A 112 4.17 19.94 -16.77
CA MET A 112 3.18 20.86 -17.31
C MET A 112 3.72 22.28 -17.34
N TYR A 113 4.41 22.70 -16.28
CA TYR A 113 4.94 24.06 -16.24
C TYR A 113 5.99 24.28 -17.32
N GLU A 114 6.81 23.26 -17.58
CA GLU A 114 7.79 23.38 -18.65
C GLU A 114 7.12 23.40 -20.02
N LEU A 115 6.02 22.64 -20.17
CA LEU A 115 5.30 22.64 -21.43
C LEU A 115 4.71 24.01 -21.72
N LEU A 116 4.15 24.67 -20.70
CA LEU A 116 3.54 25.97 -20.90
C LEU A 116 4.59 27.04 -21.24
N ASN A 117 5.76 26.97 -20.60
CA ASN A 117 6.78 27.98 -20.85
C ASN A 117 7.45 27.82 -22.20
N THR A 118 7.34 26.65 -22.83
CA THR A 118 8.05 26.36 -24.07
C THR A 118 7.15 26.42 -25.31
N MET A 119 5.92 25.92 -25.21
CA MET A 119 5.13 25.67 -26.40
C MET A 119 4.35 26.88 -26.91
N ASN A 120 4.29 27.97 -26.15
CA ASN A 120 3.77 29.25 -26.63
C ASN A 120 2.31 29.11 -27.09
N PHE A 121 1.45 28.71 -26.14
CA PHE A 121 0.04 28.50 -26.44
C PHE A 121 -0.68 29.84 -26.58
N ASN A 122 -1.60 29.91 -27.55
CA ASN A 122 -2.39 31.12 -27.73
C ASN A 122 -3.30 31.38 -26.54
N ASN A 123 -3.73 30.34 -25.84
CA ASN A 123 -4.63 30.53 -24.70
C ASN A 123 -4.58 29.29 -23.81
N THR A 124 -4.58 29.53 -22.50
CA THR A 124 -4.55 28.49 -21.48
C THR A 124 -5.61 28.73 -20.41
N SER A 125 -6.77 29.28 -20.80
CA SER A 125 -7.69 29.90 -19.85
C SER A 125 -8.93 29.09 -19.54
N GLN A 126 -9.25 28.06 -20.31
CA GLN A 126 -10.46 27.26 -20.08
C GLN A 126 -10.08 25.79 -20.18
N ALA A 127 -9.58 25.26 -19.06
CA ALA A 127 -8.86 24.00 -19.06
C ALA A 127 -9.77 22.82 -18.76
N PHE A 128 -9.60 21.76 -19.53
CA PHE A 128 -10.18 20.45 -19.26
C PHE A 128 -9.01 19.50 -19.04
N CYS A 129 -8.83 19.05 -17.82
CA CYS A 129 -7.73 18.17 -17.45
C CYS A 129 -8.32 16.81 -17.10
N ASN A 130 -8.11 15.84 -17.99
CA ASN A 130 -8.63 14.49 -17.85
C ASN A 130 -7.52 13.54 -17.43
N CYS A 131 -7.92 12.45 -16.79
CA CYS A 131 -6.99 11.52 -16.14
C CYS A 131 -5.97 12.31 -15.33
N GLU A 132 -6.47 13.10 -14.39
CA GLU A 132 -5.68 14.19 -13.85
C GLU A 132 -5.15 13.96 -12.44
N LEU A 133 -5.94 13.38 -11.55
CA LEU A 133 -5.52 13.19 -10.17
C LEU A 133 -4.11 12.59 -10.13
N PRO A 134 -3.26 12.99 -9.19
CA PRO A 134 -3.48 13.87 -8.02
C PRO A 134 -3.71 15.35 -8.33
N GLY A 135 -3.35 15.83 -9.52
CA GLY A 135 -3.68 17.19 -9.90
C GLY A 135 -2.51 18.07 -10.27
N GLY A 136 -1.41 17.47 -10.74
CA GLY A 136 -0.25 18.26 -11.11
C GLY A 136 -0.54 19.23 -12.23
N PHE A 137 -1.27 18.79 -13.26
CA PHE A 137 -1.47 19.61 -14.45
C PHE A 137 -2.34 20.83 -14.14
N ILE A 138 -3.47 20.64 -13.46
CA ILE A 138 -4.32 21.79 -13.15
C ILE A 138 -3.59 22.78 -12.28
N SER A 139 -2.82 22.28 -11.30
CA SER A 139 -2.11 23.17 -10.39
C SER A 139 -1.07 23.99 -11.14
N ALA A 140 -0.26 23.34 -11.99
CA ALA A 140 0.73 24.07 -12.77
C ALA A 140 0.07 25.12 -13.65
N ILE A 141 -1.03 24.75 -14.32
CA ILE A 141 -1.73 25.71 -15.18
C ILE A 141 -2.30 26.85 -14.35
N ASN A 142 -2.85 26.53 -13.16
CA ASN A 142 -3.35 27.57 -12.27
C ASN A 142 -2.24 28.53 -11.86
N HIS A 143 -1.07 27.98 -11.51
CA HIS A 143 0.09 28.81 -11.19
C HIS A 143 0.51 29.66 -12.39
N PHE A 144 0.63 29.02 -13.55
CA PHE A 144 1.02 29.73 -14.76
C PHE A 144 0.04 30.84 -15.12
N ASN A 145 -1.26 30.55 -15.04
CA ASN A 145 -2.25 31.53 -15.48
C ASN A 145 -2.29 32.76 -14.59
N TYR A 146 -1.97 32.61 -13.31
CA TYR A 146 -2.09 33.74 -12.40
C TYR A 146 -0.79 34.54 -12.30
N THR A 147 0.37 33.88 -12.28
CA THR A 147 1.63 34.61 -12.22
C THR A 147 2.18 35.01 -13.58
N MET A 148 1.86 34.27 -14.64
CA MET A 148 2.41 34.53 -15.97
C MET A 148 1.44 35.23 -16.91
N MET A 149 0.19 34.77 -16.97
CA MET A 149 -0.76 35.29 -17.95
C MET A 149 -1.71 36.33 -17.40
N HIS A 150 -1.99 36.31 -16.09
CA HIS A 150 -2.86 37.29 -15.44
C HIS A 150 -4.25 37.30 -16.07
N TYR A 151 -4.84 36.12 -16.23
CA TYR A 151 -6.25 36.04 -16.57
C TYR A 151 -7.06 36.46 -15.35
N PRO A 152 -8.08 37.30 -15.51
CA PRO A 152 -8.81 37.79 -14.32
C PRO A 152 -9.36 36.68 -13.46
N THR A 153 -9.87 35.62 -14.08
CA THR A 153 -10.28 34.42 -13.36
C THR A 153 -10.12 33.23 -14.31
N PHE A 154 -9.78 32.08 -13.73
CA PHE A 154 -9.40 30.89 -14.49
C PHE A 154 -10.37 29.77 -14.11
N ASN A 155 -11.26 29.43 -15.05
CA ASN A 155 -12.23 28.36 -14.84
C ASN A 155 -11.70 27.07 -15.45
N TRP A 156 -11.99 25.95 -14.79
CA TRP A 156 -11.45 24.67 -15.21
C TRP A 156 -12.35 23.56 -14.71
N VAL A 157 -12.38 22.46 -15.46
CA VAL A 157 -13.04 21.24 -15.05
C VAL A 157 -12.04 20.11 -15.13
N ALA A 158 -12.36 19.01 -14.46
CA ALA A 158 -11.43 17.89 -14.42
C ALA A 158 -12.19 16.59 -14.21
N SER A 159 -11.53 15.50 -14.56
CA SER A 159 -12.06 14.15 -14.37
C SER A 159 -10.89 13.19 -14.21
N SER A 160 -11.19 12.04 -13.61
CA SER A 160 -10.20 11.01 -13.40
C SER A 160 -10.92 9.72 -13.04
N LEU A 161 -10.28 8.60 -13.34
CA LEU A 161 -10.79 7.33 -12.86
C LEU A 161 -10.84 7.35 -11.35
N TYR A 162 -12.00 7.05 -10.79
CA TYR A 162 -12.17 7.14 -9.35
C TYR A 162 -11.16 6.22 -8.67
N PRO A 163 -10.47 6.69 -7.63
CA PRO A 163 -9.54 5.94 -6.79
C PRO A 163 -9.97 4.50 -6.53
N GLU A 171 -5.34 8.64 -7.76
CA GLU A 171 -5.87 8.77 -6.41
C GLU A 171 -5.70 10.19 -5.89
N ASP A 172 -6.73 10.71 -5.24
CA ASP A 172 -6.73 12.05 -4.66
C ASP A 172 -5.80 12.08 -3.45
N HIS A 173 -4.59 12.63 -3.63
CA HIS A 173 -3.63 12.71 -2.54
C HIS A 173 -3.63 14.05 -1.82
N TYR A 174 -4.11 15.11 -2.48
CA TYR A 174 -4.08 16.45 -1.91
C TYR A 174 -5.47 17.01 -1.67
N GLY A 175 -6.51 16.21 -1.80
CA GLY A 175 -7.87 16.69 -1.60
C GLY A 175 -8.34 17.66 -2.66
N LEU A 176 -7.74 17.64 -3.85
CA LEU A 176 -8.18 18.55 -4.91
C LEU A 176 -9.55 18.15 -5.45
N TYR A 177 -9.87 16.85 -5.43
CA TYR A 177 -11.18 16.40 -5.90
C TYR A 177 -12.27 16.71 -4.88
N GLN A 178 -12.05 16.32 -3.62
CA GLN A 178 -13.09 16.41 -2.60
C GLN A 178 -13.49 17.85 -2.31
N CYS A 179 -12.55 18.79 -2.44
CA CYS A 179 -12.81 20.18 -2.10
C CYS A 179 -13.43 20.98 -3.23
N ASN A 180 -13.37 20.49 -4.47
CA ASN A 180 -13.87 21.22 -5.63
C ASN A 180 -14.87 20.37 -6.40
N PRO A 181 -16.01 20.01 -5.78
CA PRO A 181 -16.98 19.16 -6.49
C PRO A 181 -17.63 19.85 -7.67
N ASP A 182 -17.62 21.18 -7.71
CA ASP A 182 -18.09 21.91 -8.87
C ASP A 182 -17.34 21.49 -10.14
N ASN A 183 -16.06 21.21 -10.00
CA ASN A 183 -15.16 21.12 -11.15
C ASN A 183 -14.97 19.70 -11.68
N TRP A 184 -15.33 18.67 -10.91
CA TRP A 184 -15.00 17.30 -11.25
C TRP A 184 -16.21 16.61 -11.87
N LEU A 185 -15.97 15.91 -12.99
CA LEU A 185 -17.03 15.33 -13.81
C LEU A 185 -17.21 13.83 -13.59
N MET A 186 -16.32 13.21 -12.82
CA MET A 186 -16.42 11.82 -12.39
C MET A 186 -17.44 11.68 -11.27
N GLN A 187 -17.89 10.45 -11.03
CA GLN A 187 -18.83 10.19 -9.95
C GLN A 187 -18.34 9.08 -9.02
N SER A 188 -18.81 9.15 -7.79
CA SER A 188 -18.45 8.23 -6.73
C SER A 188 -19.13 6.88 -6.95
N PRO A 189 -18.59 5.81 -6.37
CA PRO A 189 -19.29 4.51 -6.43
C PRO A 189 -20.66 4.54 -5.79
N LEU A 190 -20.95 5.54 -4.96
CA LEU A 190 -22.28 5.70 -4.37
C LEU A 190 -23.34 5.89 -5.44
N LEU A 191 -23.00 6.55 -6.55
CA LEU A 191 -23.93 6.86 -7.61
C LEU A 191 -23.92 5.83 -8.72
N LYS A 192 -23.29 4.67 -8.51
CA LYS A 192 -23.48 3.53 -9.39
C LYS A 192 -24.98 3.38 -9.62
N LYS A 193 -25.44 3.78 -10.80
CA LYS A 193 -26.86 3.77 -11.13
C LYS A 193 -27.12 2.75 -12.22
N TYR A 197 -24.29 7.22 -14.93
CA TYR A 197 -23.16 7.01 -14.05
C TYR A 197 -21.85 7.01 -14.84
N ASN A 198 -20.92 7.87 -14.44
CA ASN A 198 -19.61 7.97 -15.07
C ASN A 198 -18.55 7.83 -13.97
N ASN A 199 -17.88 6.69 -13.93
CA ASN A 199 -16.78 6.50 -12.99
C ASN A 199 -15.48 7.13 -13.48
N GLY A 200 -15.47 7.71 -14.68
CA GLY A 200 -14.29 8.35 -15.22
C GLY A 200 -13.35 7.45 -15.97
N ASP A 201 -13.78 6.25 -16.32
CA ASP A 201 -12.94 5.31 -17.09
C ASP A 201 -13.07 5.66 -18.57
N VAL A 202 -11.99 6.16 -19.16
CA VAL A 202 -12.04 6.70 -20.52
C VAL A 202 -11.82 5.62 -21.56
N THR A 203 -11.75 4.36 -21.14
CA THR A 203 -11.77 3.26 -22.09
C THR A 203 -13.18 2.84 -22.44
N ILE A 204 -14.19 3.46 -21.83
CA ILE A 204 -15.59 3.13 -22.05
C ILE A 204 -16.21 4.22 -22.92
N ALA A 205 -16.77 3.82 -24.05
CA ALA A 205 -17.21 4.79 -25.07
C ALA A 205 -18.29 5.72 -24.52
N SER A 206 -19.27 5.18 -23.81
CA SER A 206 -20.33 6.03 -23.26
C SER A 206 -19.77 7.00 -22.23
N ASN A 207 -18.76 6.57 -21.47
CA ASN A 207 -18.10 7.46 -20.52
C ASN A 207 -17.40 8.60 -21.24
N VAL A 208 -16.81 8.32 -22.41
CA VAL A 208 -16.07 9.36 -23.13
C VAL A 208 -17.03 10.43 -23.66
N LYS A 209 -18.08 10.01 -24.36
CA LYS A 209 -19.04 10.98 -24.89
C LYS A 209 -19.71 11.76 -23.76
N ASN A 210 -19.97 11.09 -22.62
CA ASN A 210 -20.56 11.79 -21.49
C ASN A 210 -19.58 12.76 -20.86
N LEU A 211 -18.33 12.35 -20.67
CA LEU A 211 -17.30 13.23 -20.13
C LEU A 211 -17.19 14.51 -20.96
N ALA A 212 -17.20 14.37 -22.29
CA ALA A 212 -17.14 15.54 -23.16
C ALA A 212 -18.40 16.38 -23.05
N LEU A 213 -19.56 15.72 -22.98
CA LEU A 213 -20.82 16.45 -22.83
C LEU A 213 -20.83 17.26 -21.54
N ARG A 214 -20.38 16.65 -20.44
CA ARG A 214 -20.36 17.34 -19.16
C ARG A 214 -19.43 18.55 -19.20
N ALA A 215 -18.23 18.38 -19.76
CA ALA A 215 -17.26 19.46 -19.77
C ALA A 215 -17.75 20.66 -20.57
N THR A 216 -18.39 20.40 -21.72
CA THR A 216 -18.85 21.49 -22.56
C THR A 216 -20.06 22.19 -21.96
N GLN A 217 -20.88 21.48 -21.18
CA GLN A 217 -21.98 22.12 -20.48
C GLN A 217 -21.49 23.00 -19.35
N ARG A 218 -20.51 22.51 -18.58
CA ARG A 218 -20.06 23.18 -17.38
C ARG A 218 -19.03 24.27 -17.63
N LEU A 219 -18.52 24.39 -18.86
CA LEU A 219 -17.39 25.28 -19.15
C LEU A 219 -17.15 25.38 -20.65
N THR A 220 -17.43 26.54 -21.25
CA THR A 220 -17.23 26.67 -22.68
C THR A 220 -16.98 28.13 -23.05
N PRO A 221 -16.03 28.42 -23.96
CA PRO A 221 -15.21 27.47 -24.73
C PRO A 221 -14.23 26.73 -23.84
N ILE A 222 -13.67 25.64 -24.36
CA ILE A 222 -12.56 24.96 -23.72
C ILE A 222 -11.33 25.23 -24.57
N HIS A 223 -10.39 25.98 -24.01
CA HIS A 223 -9.22 26.46 -24.74
C HIS A 223 -8.01 25.55 -24.60
N LEU A 224 -8.04 24.61 -23.66
CA LEU A 224 -6.87 23.78 -23.38
C LEU A 224 -7.32 22.46 -22.80
N TYR A 225 -7.03 21.37 -23.51
CA TYR A 225 -7.31 20.02 -23.04
C TYR A 225 -6.00 19.30 -22.75
N THR A 226 -5.94 18.64 -21.59
CA THR A 226 -4.80 17.81 -21.24
C THR A 226 -5.30 16.46 -20.70
N ALA A 227 -4.51 15.42 -20.95
CA ALA A 227 -4.78 14.08 -20.46
C ALA A 227 -3.46 13.40 -20.12
N ASP A 228 -3.37 12.83 -18.92
CA ASP A 228 -2.12 12.34 -18.36
C ASP A 228 -2.27 10.94 -17.78
N GLY A 229 -2.78 10.00 -18.57
CA GLY A 229 -3.05 8.66 -18.08
C GLY A 229 -2.02 7.62 -18.49
N GLY A 230 -1.93 6.57 -17.68
CA GLY A 230 -1.03 5.47 -17.96
C GLY A 230 -1.15 4.28 -17.03
N ILE A 231 -1.39 3.11 -17.61
CA ILE A 231 -1.25 1.84 -16.89
C ILE A 231 0.23 1.47 -16.86
N ASN A 232 0.59 0.55 -15.95
CA ASN A 232 1.99 0.17 -15.83
C ASN A 232 2.09 -1.19 -15.17
N VAL A 233 3.24 -1.83 -15.40
CA VAL A 233 3.59 -3.12 -14.80
C VAL A 233 5.06 -3.45 -15.09
N TYR A 237 7.33 -4.15 -19.76
CA TYR A 237 7.87 -2.94 -20.35
C TYR A 237 7.90 -3.05 -21.87
N ASN A 238 7.47 -4.20 -22.36
CA ASN A 238 7.48 -4.47 -23.80
C ASN A 238 6.12 -4.24 -24.46
N LYS A 239 5.03 -4.32 -23.70
CA LYS A 239 3.70 -4.01 -24.20
C LYS A 239 3.10 -2.77 -23.56
N GLN A 240 3.92 -1.88 -22.98
CA GLN A 240 3.36 -0.73 -22.29
C GLN A 240 2.55 0.14 -23.24
N GLU A 241 3.08 0.39 -24.44
CA GLU A 241 2.29 1.10 -25.44
C GLU A 241 1.08 0.28 -25.86
N GLU A 242 1.28 -1.01 -26.14
CA GLU A 242 0.19 -1.90 -26.50
C GLU A 242 -0.88 -1.94 -25.42
N LEU A 243 -0.46 -2.03 -24.15
CA LEU A 243 -1.41 -2.10 -23.06
C LEU A 243 -2.17 -0.80 -22.83
N ASN A 244 -1.63 0.32 -23.32
CA ASN A 244 -2.21 1.64 -23.07
C ASN A 244 -2.97 2.20 -24.27
N LEU A 245 -3.08 1.43 -25.35
CA LEU A 245 -3.72 1.92 -26.57
C LEU A 245 -5.13 2.40 -26.29
N LYS A 246 -5.95 1.57 -25.65
CA LYS A 246 -7.34 1.90 -25.41
C LYS A 246 -7.48 3.08 -24.46
N LEU A 247 -6.67 3.12 -23.40
CA LEU A 247 -6.68 4.25 -22.48
C LEU A 247 -6.39 5.55 -23.20
N HIS A 248 -5.37 5.54 -24.06
CA HIS A 248 -4.97 6.77 -24.74
C HIS A 248 -5.96 7.14 -25.85
N PHE A 249 -6.47 6.14 -26.56
CA PHE A 249 -7.49 6.41 -27.58
C PHE A 249 -8.68 7.16 -26.99
N GLY A 250 -9.12 6.75 -25.80
CA GLY A 250 -10.21 7.47 -25.15
C GLY A 250 -9.76 8.81 -24.59
N GLN A 251 -8.54 8.86 -24.04
CA GLN A 251 -7.91 10.13 -23.70
C GLN A 251 -8.01 11.11 -24.86
N ALA A 252 -7.63 10.65 -26.05
CA ALA A 252 -7.72 11.49 -27.25
C ALA A 252 -9.16 11.84 -27.57
N LEU A 253 -10.03 10.82 -27.62
CA LEU A 253 -11.42 11.04 -28.02
C LEU A 253 -12.12 12.04 -27.11
N THR A 254 -11.86 11.97 -25.80
CA THR A 254 -12.46 12.93 -24.87
C THR A 254 -12.08 14.35 -25.25
N GLY A 255 -10.79 14.61 -25.46
CA GLY A 255 -10.36 15.94 -25.81
C GLY A 255 -10.92 16.42 -27.13
N LEU A 256 -10.81 15.57 -28.16
CA LEU A 256 -11.28 15.96 -29.48
C LEU A 256 -12.80 16.04 -29.57
N LEU A 257 -13.52 15.60 -28.52
CA LEU A 257 -14.95 15.80 -28.47
C LEU A 257 -15.34 17.10 -27.76
N SER A 258 -14.42 17.69 -26.99
CA SER A 258 -14.74 18.86 -26.17
C SER A 258 -13.97 20.11 -26.53
N LEU A 259 -12.85 20.01 -27.24
CA LEU A 259 -11.95 21.15 -27.43
C LEU A 259 -12.52 22.10 -28.47
N SER A 260 -12.72 23.37 -28.08
CA SER A 260 -13.24 24.38 -28.99
C SER A 260 -12.25 24.67 -30.10
N LYS A 261 -12.78 25.14 -31.23
CA LYS A 261 -11.95 25.64 -32.32
C LYS A 261 -10.98 26.68 -31.78
N GLY A 262 -9.75 26.65 -32.28
CA GLY A 262 -8.69 27.49 -31.77
C GLY A 262 -8.04 26.98 -30.51
N GLY A 263 -8.50 25.87 -29.95
CA GLY A 263 -7.97 25.34 -28.71
C GLY A 263 -6.69 24.53 -28.90
N ASN A 264 -6.14 24.11 -27.77
CA ASN A 264 -4.84 23.43 -27.72
C ASN A 264 -4.97 22.14 -26.92
N MET A 265 -3.97 21.27 -27.07
CA MET A 265 -4.09 19.88 -26.63
C MET A 265 -2.74 19.35 -26.15
N ILE A 266 -2.76 18.54 -25.08
CA ILE A 266 -1.56 17.90 -24.54
C ILE A 266 -1.93 16.48 -24.08
N LEU A 267 -1.35 15.48 -24.74
CA LEU A 267 -1.62 14.07 -24.43
C LEU A 267 -0.33 13.36 -24.08
N LYS A 268 -0.36 12.59 -22.99
CA LYS A 268 0.80 11.78 -22.60
C LYS A 268 0.81 10.47 -23.36
N HIS A 269 2.01 10.07 -23.83
CA HIS A 269 2.16 8.83 -24.59
C HIS A 269 3.44 8.12 -24.14
N TYR A 270 3.82 7.07 -24.89
CA TYR A 270 5.03 6.31 -24.60
C TYR A 270 5.90 6.15 -25.85
N THR A 271 5.89 4.96 -26.48
CA THR A 271 6.93 4.65 -27.46
C THR A 271 6.56 4.97 -28.91
N LEU A 272 5.27 5.15 -29.22
CA LEU A 272 4.83 5.63 -30.53
C LEU A 272 5.21 4.68 -31.68
N ASN A 273 5.30 3.38 -31.42
CA ASN A 273 5.73 2.45 -32.46
C ASN A 273 4.62 1.60 -33.04
N HIS A 274 3.51 1.44 -32.31
CA HIS A 274 2.40 0.64 -32.83
C HIS A 274 1.68 1.38 -33.95
N ALA A 275 1.26 0.62 -34.96
CA ALA A 275 0.59 1.21 -36.12
C ALA A 275 -0.72 1.91 -35.74
N PHE A 276 -1.34 1.52 -34.63
CA PHE A 276 -2.52 2.24 -34.17
C PHE A 276 -2.14 3.57 -33.56
N THR A 277 -1.08 3.61 -32.76
CA THR A 277 -0.56 4.88 -32.27
C THR A 277 -0.22 5.80 -33.42
N LEU A 278 0.45 5.27 -34.44
CA LEU A 278 0.81 6.09 -35.60
C LEU A 278 -0.44 6.53 -36.36
N SER A 279 -1.42 5.65 -36.50
CA SER A 279 -2.68 6.02 -37.14
C SER A 279 -3.40 7.11 -36.35
N LEU A 280 -3.20 7.13 -35.03
CA LEU A 280 -3.91 8.09 -34.18
C LEU A 280 -3.33 9.49 -34.34
N ILE A 281 -1.99 9.61 -34.38
CA ILE A 281 -1.38 10.90 -34.69
C ILE A 281 -1.76 11.35 -36.08
N CYS A 282 -2.03 10.40 -36.99
CA CYS A 282 -2.49 10.77 -38.32
C CYS A 282 -3.84 11.47 -38.27
N VAL A 283 -4.74 11.00 -37.39
CA VAL A 283 -6.00 11.71 -37.18
C VAL A 283 -5.75 13.12 -36.66
N PHE A 284 -4.87 13.23 -35.66
CA PHE A 284 -4.54 14.53 -35.08
C PHE A 284 -4.13 15.53 -36.15
N SER A 285 -3.31 15.08 -37.11
CA SER A 285 -2.72 15.95 -38.12
C SER A 285 -3.75 16.71 -38.94
N HIS A 286 -5.03 16.35 -38.84
CA HIS A 286 -6.09 17.02 -39.58
C HIS A 286 -6.75 18.15 -38.80
N PHE A 287 -6.40 18.36 -37.53
CA PHE A 287 -7.21 19.19 -36.67
C PHE A 287 -6.49 20.35 -35.99
N PHE A 288 -5.18 20.48 -36.16
CA PHE A 288 -4.46 21.56 -35.52
C PHE A 288 -3.52 22.24 -36.50
N GLU A 289 -3.34 23.54 -36.32
CA GLU A 289 -2.41 24.29 -37.14
C GLU A 289 -0.98 23.76 -36.99
N GLU A 290 -0.58 23.45 -35.77
CA GLU A 290 0.72 22.86 -35.49
C GLU A 290 0.57 21.60 -34.63
N LEU A 291 1.58 20.74 -34.72
CA LEU A 291 1.60 19.46 -34.01
C LEU A 291 3.04 19.07 -33.73
N TYR A 292 3.34 18.72 -32.47
CA TYR A 292 4.71 18.50 -32.03
C TYR A 292 4.77 17.32 -31.06
N ILE A 293 5.63 16.35 -31.34
CA ILE A 293 6.02 15.37 -30.34
C ILE A 293 7.11 15.97 -29.46
N THR A 294 6.91 15.94 -28.15
CA THR A 294 7.81 16.61 -27.22
C THR A 294 8.28 15.65 -26.12
N LYS A 295 9.46 15.96 -25.59
CA LYS A 295 9.94 15.36 -24.34
C LYS A 295 10.55 16.49 -23.51
N PRO A 296 9.82 17.00 -22.52
CA PRO A 296 10.40 18.02 -21.64
C PRO A 296 11.50 17.44 -20.76
N THR A 297 12.36 18.33 -20.27
CA THR A 297 13.51 17.89 -19.48
C THR A 297 13.08 17.37 -18.12
N SER A 298 11.95 17.83 -17.60
CA SER A 298 11.44 17.32 -16.34
C SER A 298 10.82 15.94 -16.48
N SER A 299 10.62 15.46 -17.70
CA SER A 299 10.28 14.07 -17.93
C SER A 299 11.57 13.24 -17.94
N ARG A 300 11.61 12.20 -17.11
CA ARG A 300 12.81 11.41 -16.90
C ARG A 300 13.34 10.88 -18.22
N PRO A 301 14.58 11.21 -18.61
CA PRO A 301 15.10 10.73 -19.89
C PRO A 301 15.23 9.22 -19.98
N THR A 302 15.11 8.51 -18.85
CA THR A 302 15.29 7.06 -18.83
C THR A 302 14.01 6.31 -19.17
N ASN A 303 12.84 6.96 -19.13
CA ASN A 303 11.59 6.32 -19.49
C ASN A 303 11.13 6.80 -20.86
N SER A 304 10.05 6.19 -21.35
CA SER A 304 9.57 6.42 -22.70
C SER A 304 8.47 7.47 -22.80
N GLU A 305 8.15 8.15 -21.69
CA GLU A 305 7.08 9.14 -21.69
C GLU A 305 7.31 10.20 -22.76
N THR A 306 6.24 10.52 -23.50
CA THR A 306 6.26 11.58 -24.49
C THR A 306 5.00 12.41 -24.33
N TYR A 307 4.99 13.58 -24.96
CA TYR A 307 3.84 14.47 -24.92
C TYR A 307 3.52 14.95 -26.33
N ILE A 308 2.36 14.55 -26.83
CA ILE A 308 1.86 15.02 -28.11
C ILE A 308 1.11 16.32 -27.88
N VAL A 309 1.55 17.38 -28.57
CA VAL A 309 1.04 18.72 -28.35
C VAL A 309 0.50 19.25 -29.67
N GLY A 310 -0.77 19.65 -29.66
CA GLY A 310 -1.39 20.28 -30.81
C GLY A 310 -1.79 21.70 -30.47
N LYS A 311 -1.47 22.64 -31.35
CA LYS A 311 -1.76 24.06 -31.15
C LYS A 311 -2.76 24.53 -32.19
N ASN A 312 -3.80 25.24 -31.72
CA ASN A 312 -4.73 25.97 -32.57
C ASN A 312 -5.61 25.05 -33.42
N ARG A 313 -6.71 24.57 -32.84
CA ARG A 313 -7.58 23.61 -33.51
C ARG A 313 -8.28 24.24 -34.71
N LEU A 314 -8.12 23.62 -35.88
CA LEU A 314 -8.69 24.18 -37.10
C LEU A 314 -10.17 23.87 -37.27
N ARG A 315 -10.64 22.71 -36.79
CA ARG A 315 -12.03 22.34 -37.03
C ARG A 315 -12.44 21.20 -36.09
N LEU A 316 -13.74 21.09 -35.88
CA LEU A 316 -14.34 20.04 -35.07
C LEU A 316 -14.67 18.81 -35.93
N PHE A 317 -14.97 17.70 -35.26
CA PHE A 317 -15.39 16.48 -35.95
C PHE A 317 -16.66 16.72 -36.76
N THR A 318 -16.79 16.00 -37.88
CA THR A 318 -18.11 15.94 -38.51
C THR A 318 -18.93 14.86 -37.84
N PRO A 319 -20.28 14.96 -37.88
CA PRO A 319 -21.10 13.95 -37.20
C PRO A 319 -20.73 12.51 -37.52
N LYS A 320 -20.43 12.19 -38.77
CA LYS A 320 -19.98 10.84 -39.11
C LYS A 320 -18.69 10.51 -38.38
N GLU A 321 -17.75 11.47 -38.32
CA GLU A 321 -16.47 11.20 -37.67
C GLU A 321 -16.65 10.88 -36.19
N GLU A 322 -17.57 11.57 -35.52
CA GLU A 322 -17.91 11.22 -34.15
C GLU A 322 -18.36 9.78 -34.02
N GLN A 323 -19.34 9.38 -34.85
CA GLN A 323 -19.91 8.04 -34.75
C GLN A 323 -18.85 6.97 -35.00
N VAL A 324 -18.04 7.14 -36.05
CA VAL A 324 -17.08 6.10 -36.44
C VAL A 324 -16.05 5.90 -35.34
N LEU A 325 -15.50 6.99 -34.80
CA LEU A 325 -14.43 6.87 -33.81
C LEU A 325 -14.96 6.31 -32.48
N LEU A 326 -16.14 6.76 -32.05
CA LEU A 326 -16.68 6.26 -30.78
C LEU A 326 -17.05 4.79 -30.88
N LYS A 327 -17.49 4.32 -32.05
CA LYS A 327 -17.69 2.90 -32.25
C LYS A 327 -16.36 2.15 -32.23
N ARG A 328 -15.35 2.72 -32.89
CA ARG A 328 -13.99 2.19 -32.83
C ARG A 328 -13.55 1.90 -31.41
N LEU A 329 -13.76 2.85 -30.50
CA LEU A 329 -13.41 2.66 -29.10
C LEU A 329 -14.29 1.61 -28.43
N GLU A 330 -15.56 1.55 -28.84
CA GLU A 330 -16.54 0.69 -28.18
C GLU A 330 -16.23 -0.79 -28.40
N PHE A 331 -15.81 -1.15 -29.62
CA PHE A 331 -15.38 -2.51 -29.95
C PHE A 331 -13.97 -2.40 -30.50
N PHE A 332 -13.00 -2.38 -29.59
CA PHE A 332 -11.65 -1.94 -29.90
C PHE A 332 -10.80 -3.05 -30.49
N ASN A 333 -9.97 -2.69 -31.47
CA ASN A 333 -8.90 -3.56 -31.94
C ASN A 333 -7.81 -2.71 -32.56
N ASP A 334 -6.61 -3.31 -32.67
CA ASP A 334 -5.42 -2.58 -33.12
C ASP A 334 -5.32 -2.55 -34.64
N THR A 335 -6.44 -2.34 -35.33
CA THR A 335 -6.28 -2.00 -36.74
C THR A 335 -6.14 -0.49 -36.88
N PRO A 336 -5.24 -0.01 -37.73
CA PRO A 336 -5.06 1.44 -37.88
C PRO A 336 -6.34 2.17 -38.24
N LEU A 337 -6.50 3.37 -37.66
CA LEU A 337 -7.68 4.18 -37.88
C LEU A 337 -7.76 4.69 -39.31
N VAL A 338 -6.62 4.83 -40.00
CA VAL A 338 -6.56 5.38 -41.34
C VAL A 338 -5.60 4.53 -42.17
N ASP A 339 -5.50 4.89 -43.45
CA ASP A 339 -4.56 4.26 -44.37
C ASP A 339 -3.21 4.93 -44.19
N LEU A 340 -2.31 4.27 -43.46
CA LEU A 340 -1.04 4.88 -43.08
C LEU A 340 -0.20 5.25 -44.29
N SER A 341 -0.39 4.56 -45.43
CA SER A 341 0.42 4.84 -46.60
C SER A 341 0.15 6.22 -47.20
N LEU A 342 -0.87 6.93 -46.72
CA LEU A 342 -1.17 8.28 -47.17
C LEU A 342 -0.50 9.34 -46.31
N TYR A 343 0.39 8.96 -45.42
CA TYR A 343 1.03 9.88 -44.49
C TYR A 343 2.54 9.65 -44.44
N GLN A 344 3.15 9.42 -45.61
CA GLN A 344 4.59 9.15 -45.67
C GLN A 344 5.39 10.30 -45.03
N ASN A 345 5.04 11.53 -45.37
CA ASN A 345 5.72 12.70 -44.80
C ASN A 345 5.60 12.68 -43.27
N LEU A 346 4.39 12.52 -42.76
CA LEU A 346 4.18 12.58 -41.32
C LEU A 346 4.85 11.42 -40.61
N LEU A 347 4.80 10.21 -41.18
CA LEU A 347 5.41 9.06 -40.54
C LEU A 347 6.93 9.20 -40.46
N GLU A 348 7.55 9.84 -41.45
CA GLU A 348 8.99 10.09 -41.37
C GLU A 348 9.32 11.04 -40.23
N SER A 349 8.51 12.08 -40.05
CA SER A 349 8.74 13.03 -38.97
C SER A 349 8.51 12.38 -37.62
N VAL A 350 7.51 11.51 -37.51
CA VAL A 350 7.34 10.75 -36.27
C VAL A 350 8.54 9.87 -36.03
N TYR A 351 9.07 9.24 -37.08
CA TYR A 351 10.26 8.41 -36.90
C TYR A 351 11.43 9.24 -36.42
N PHE A 352 11.59 10.46 -36.94
CA PHE A 352 12.64 11.32 -36.42
C PHE A 352 12.42 11.61 -34.95
N ALA A 353 11.17 11.68 -34.51
CA ALA A 353 10.88 11.87 -33.09
C ALA A 353 11.34 10.67 -32.27
N VAL A 354 10.97 9.46 -32.70
CA VAL A 354 11.38 8.25 -31.99
C VAL A 354 12.90 8.15 -31.95
N GLU A 355 13.56 8.42 -33.08
CA GLU A 355 15.01 8.32 -33.14
C GLU A 355 15.67 9.27 -32.13
N THR A 356 15.18 10.51 -32.05
CA THR A 356 15.78 11.49 -31.15
C THR A 356 15.47 11.17 -29.69
N ILE A 357 14.20 10.89 -29.39
CA ILE A 357 13.78 10.71 -28.01
C ILE A 357 14.15 9.33 -27.50
N HIS A 358 13.82 8.28 -28.27
CA HIS A 358 13.90 6.91 -27.79
C HIS A 358 15.20 6.20 -28.16
N LEU A 359 15.53 6.15 -29.45
CA LEU A 359 16.73 5.41 -29.86
C LEU A 359 18.01 6.14 -29.45
N LYS A 360 18.00 7.47 -29.42
CA LYS A 360 19.19 8.22 -29.04
C LYS A 360 19.17 8.53 -27.54
N GLN A 361 18.29 9.44 -27.12
CA GLN A 361 18.37 9.97 -25.76
C GLN A 361 18.08 8.90 -24.71
N GLN A 362 16.95 8.19 -24.83
CA GLN A 362 16.60 7.23 -23.79
C GLN A 362 17.63 6.12 -23.69
N ILE A 363 18.02 5.54 -24.84
CA ILE A 363 18.98 4.44 -24.84
C ILE A 363 20.29 4.88 -24.21
N GLU A 364 20.72 6.12 -24.50
CA GLU A 364 21.94 6.63 -23.90
C GLU A 364 21.82 6.71 -22.38
N PHE A 365 20.67 7.17 -21.88
CA PHE A 365 20.52 7.34 -20.44
C PHE A 365 20.33 6.00 -19.73
N LEU A 366 19.82 4.99 -20.44
CA LEU A 366 19.78 3.66 -19.85
C LEU A 366 21.19 3.06 -19.75
N ASN A 367 21.97 3.18 -20.83
CA ASN A 367 23.36 2.72 -20.79
C ASN A 367 24.15 3.43 -19.71
N PHE A 368 23.92 4.74 -19.55
CA PHE A 368 24.59 5.50 -18.50
C PHE A 368 24.22 4.96 -17.13
N GLY A 369 22.95 4.62 -16.92
CA GLY A 369 22.54 4.09 -15.63
C GLY A 369 23.17 2.74 -15.32
N MET A 370 23.16 1.83 -16.31
CA MET A 370 23.80 0.53 -16.11
C MET A 370 25.28 0.69 -15.82
N LYS A 371 25.95 1.60 -16.54
CA LYS A 371 27.35 1.86 -16.26
C LYS A 371 27.54 2.38 -14.84
N CYS A 372 26.70 3.33 -14.43
CA CYS A 372 26.71 3.80 -13.05
C CYS A 372 26.49 2.64 -12.08
N TYR A 373 25.57 1.73 -12.41
CA TYR A 373 25.34 0.59 -11.54
C TYR A 373 26.60 -0.26 -11.41
N ARG A 374 27.28 -0.53 -12.52
CA ARG A 374 28.42 -1.44 -12.50
C ARG A 374 29.57 -0.87 -11.68
N HIS A 375 29.74 0.45 -11.66
CA HIS A 375 30.85 1.08 -10.94
C HIS A 375 30.46 1.63 -9.58
N PHE A 376 29.17 1.62 -9.22
CA PHE A 376 28.75 2.26 -7.98
C PHE A 376 27.64 1.53 -7.26
N TYR A 377 27.31 0.28 -7.64
CA TYR A 377 26.26 -0.44 -6.93
C TYR A 377 26.55 -0.53 -5.44
N ASN A 378 27.81 -0.45 -5.04
CA ASN A 378 28.21 -0.48 -3.65
C ASN A 378 28.74 0.86 -3.14
N LYS A 379 28.65 1.92 -3.95
CA LYS A 379 29.21 3.23 -3.60
C LYS A 379 28.19 4.33 -3.89
N ILE A 380 27.06 4.30 -3.16
CA ILE A 380 25.94 5.17 -3.50
C ILE A 380 26.19 6.61 -3.05
N LYS A 381 26.75 6.80 -1.86
CA LYS A 381 27.11 8.15 -1.45
C LYS A 381 28.18 8.73 -2.37
N LEU A 382 29.04 7.87 -2.93
CA LEU A 382 30.09 8.36 -3.81
C LEU A 382 29.52 8.89 -5.12
N LEU A 383 28.63 8.13 -5.76
CA LEU A 383 28.02 8.61 -7.00
C LEU A 383 27.21 9.87 -6.75
N ASN A 384 26.56 9.97 -5.59
CA ASN A 384 25.81 11.17 -5.27
C ASN A 384 26.74 12.36 -5.03
N ASP A 385 27.93 12.11 -4.49
CA ASP A 385 28.89 13.20 -4.28
C ASP A 385 29.34 13.79 -5.61
N TYR A 386 29.65 12.94 -6.60
CA TYR A 386 30.08 13.43 -7.90
C TYR A 386 29.01 14.29 -8.56
N LEU A 387 27.75 13.85 -8.49
CA LEU A 387 26.68 14.47 -9.25
C LEU A 387 26.00 15.63 -8.54
N ALA A 388 26.28 15.83 -7.25
CA ALA A 388 25.70 16.91 -6.45
C ALA A 388 25.86 18.27 -7.15
N PRO A 389 27.08 18.69 -7.54
CA PRO A 389 27.19 19.99 -8.21
C PRO A 389 26.45 20.04 -9.52
N LYS A 390 26.52 18.97 -10.32
CA LYS A 390 25.81 18.95 -11.59
C LYS A 390 24.30 19.04 -11.39
N LYS A 391 23.77 18.44 -10.32
CA LYS A 391 22.35 18.55 -10.07
C LYS A 391 21.93 19.99 -9.80
N LYS A 392 22.74 20.74 -9.06
CA LYS A 392 22.44 22.15 -8.81
C LYS A 392 22.50 22.96 -10.09
N ILE A 393 23.47 22.66 -10.96
CA ILE A 393 23.56 23.35 -12.25
C ILE A 393 22.31 23.07 -13.08
N PHE A 394 21.85 21.82 -13.08
CA PHE A 394 20.74 21.45 -13.94
C PHE A 394 19.43 22.05 -13.44
N GLN A 395 19.20 21.97 -12.12
CA GLN A 395 17.94 22.49 -11.58
C GLN A 395 17.89 24.02 -11.68
N ASP A 396 19.03 24.68 -11.51
CA ASP A 396 19.08 26.13 -11.69
C ASP A 396 18.79 26.51 -13.14
N ARG A 397 19.31 25.74 -14.09
CA ARG A 397 19.06 26.00 -15.51
C ARG A 397 17.57 25.91 -15.81
N TRP A 398 16.90 24.87 -15.32
CA TRP A 398 15.46 24.72 -15.50
C TRP A 398 14.71 25.95 -15.00
N ARG A 399 15.05 26.41 -13.79
CA ARG A 399 14.37 27.57 -13.24
C ARG A 399 14.66 28.83 -14.05
N VAL A 400 15.85 28.92 -14.65
CA VAL A 400 16.16 30.05 -15.50
C VAL A 400 15.39 29.98 -16.82
N LEU A 401 15.17 28.77 -17.33
CA LEU A 401 14.54 28.58 -18.62
C LEU A 401 13.02 28.70 -18.56
N ASN A 402 12.43 28.42 -17.40
CA ASN A 402 10.98 28.44 -17.20
C ASN A 402 10.75 29.32 -15.97
N LYS A 403 10.61 30.62 -16.20
CA LYS A 403 10.64 31.58 -15.10
C LYS A 403 9.43 31.39 -14.20
N LEU A 404 9.70 31.39 -12.90
CA LEU A 404 8.68 31.20 -11.87
C LEU A 404 8.55 32.45 -11.03
N TYR A 405 7.33 32.78 -10.66
CA TYR A 405 7.04 33.85 -9.73
C TYR A 405 6.06 33.33 -8.69
N VAL A 406 6.02 34.00 -7.54
CA VAL A 406 5.29 33.49 -6.39
C VAL A 406 3.79 33.56 -6.66
N LEU A 407 3.07 32.53 -6.24
CA LEU A 407 1.63 32.46 -6.41
C LEU A 407 0.95 33.06 -5.19
N GLU A 408 0.22 34.15 -5.39
CA GLU A 408 -0.49 34.81 -4.30
C GLU A 408 -1.50 33.87 -3.65
N LYS A 409 -1.70 34.05 -2.34
CA LYS A 409 -2.55 33.15 -1.59
C LYS A 409 -3.98 33.13 -2.13
N LYS A 410 -4.50 34.29 -2.51
CA LYS A 410 -5.89 34.35 -2.98
C LYS A 410 -6.12 33.57 -4.27
N HIS A 411 -5.07 33.04 -4.89
CA HIS A 411 -5.20 32.27 -6.11
C HIS A 411 -4.76 30.82 -5.96
N LYS A 412 -4.35 30.39 -4.77
CA LYS A 412 -4.15 28.98 -4.52
C LYS A 412 -5.45 28.22 -4.76
N LEU A 413 -5.32 26.96 -5.16
CA LEU A 413 -6.50 26.10 -5.25
C LEU A 413 -6.90 25.63 -3.85
N LYS A 414 -8.20 25.39 -3.68
CA LYS A 414 -8.72 24.91 -2.41
C LYS A 414 -8.43 23.42 -2.31
N LEU A 415 -7.58 23.04 -1.37
CA LEU A 415 -7.20 21.65 -1.16
C LEU A 415 -7.87 21.12 0.10
N CYS A 416 -8.00 19.80 0.15
CA CYS A 416 -8.64 19.13 1.27
C CYS A 416 -7.69 18.19 2.00
N ALA A 417 -6.40 18.21 1.66
CA ALA A 417 -5.41 17.39 2.33
C ALA A 417 -4.08 18.14 2.35
N SER A 418 -3.19 17.70 3.23
CA SER A 418 -1.94 18.43 3.47
C SER A 418 -0.81 18.00 2.53
N TYR B 13 -2.59 -45.84 15.23
CA TYR B 13 -3.01 -46.89 16.16
C TYR B 13 -3.87 -46.32 17.28
N ASP B 14 -3.71 -46.88 18.49
CA ASP B 14 -4.59 -46.51 19.60
C ASP B 14 -4.43 -45.05 20.01
N TRP B 15 -3.17 -44.62 20.19
CA TRP B 15 -2.87 -43.26 20.63
C TRP B 15 -3.49 -42.19 19.75
N LEU B 16 -3.94 -42.56 18.53
CA LEU B 16 -4.53 -41.58 17.62
C LEU B 16 -5.98 -41.30 17.97
N LYS B 17 -6.76 -42.33 18.28
CA LYS B 17 -8.18 -42.16 18.54
C LYS B 17 -8.47 -41.78 19.98
N THR B 18 -7.51 -41.94 20.89
CA THR B 18 -7.65 -41.47 22.26
C THR B 18 -7.32 -39.98 22.41
N VAL B 19 -7.36 -39.22 21.32
CA VAL B 19 -7.20 -37.78 21.40
C VAL B 19 -8.43 -37.19 22.08
N GLU B 20 -8.21 -36.40 23.14
CA GLU B 20 -9.27 -35.77 23.90
C GLU B 20 -9.46 -34.33 23.45
N PRO B 21 -10.70 -33.83 23.48
CA PRO B 21 -10.93 -32.42 23.14
C PRO B 21 -10.21 -31.50 24.12
N THR B 22 -9.89 -30.31 23.63
CA THR B 22 -9.30 -29.27 24.47
C THR B 22 -10.37 -28.28 24.88
N ASN B 23 -10.09 -27.56 25.96
CA ASN B 23 -11.00 -26.56 26.49
C ASN B 23 -10.44 -25.16 26.23
N PHE B 24 -11.34 -24.18 26.17
CA PHE B 24 -10.91 -22.81 26.33
C PHE B 24 -10.33 -22.67 27.73
N LEU B 25 -9.03 -22.41 27.82
CA LEU B 25 -8.34 -22.32 29.09
C LEU B 25 -8.27 -20.86 29.53
N LYS B 26 -8.81 -20.56 30.70
CA LYS B 26 -8.98 -19.20 31.18
C LYS B 26 -8.65 -19.16 32.67
N ILE B 27 -7.50 -18.62 33.01
CA ILE B 27 -7.04 -18.52 34.40
C ILE B 27 -7.09 -17.06 34.80
N GLY B 28 -7.94 -16.74 35.78
CA GLY B 28 -8.05 -15.39 36.24
C GLY B 28 -6.94 -15.02 37.21
N LEU B 29 -6.58 -13.76 37.22
CA LEU B 29 -5.57 -13.32 38.15
C LEU B 29 -6.18 -12.47 39.25
N PRO B 30 -5.70 -12.58 40.48
CA PRO B 30 -6.28 -11.79 41.58
C PRO B 30 -5.89 -10.32 41.45
N TYR B 31 -6.91 -9.45 41.45
CA TYR B 31 -6.66 -8.03 41.44
C TYR B 31 -5.95 -7.60 42.72
N GLN B 32 -5.07 -6.60 42.60
CA GLN B 32 -4.15 -6.23 43.66
C GLN B 32 -4.62 -4.96 44.36
N ALA B 33 -4.61 -4.97 45.69
CA ALA B 33 -5.14 -3.85 46.46
C ALA B 33 -4.16 -2.68 46.50
N HIS B 34 -2.86 -2.97 46.61
CA HIS B 34 -1.83 -2.00 46.92
C HIS B 34 -1.46 -1.15 45.70
N PRO B 35 -1.06 0.11 45.93
CA PRO B 35 -0.63 0.96 44.82
C PRO B 35 0.63 0.45 44.13
N LEU B 36 0.71 0.74 42.82
CA LEU B 36 1.84 0.31 41.99
C LEU B 36 3.01 1.26 42.14
N HIS B 37 4.19 0.71 42.41
CA HIS B 37 5.43 1.48 42.46
C HIS B 37 6.38 0.90 41.42
N LEU B 38 6.54 1.61 40.30
CA LEU B 38 7.49 1.23 39.27
C LEU B 38 8.89 1.65 39.72
N GLN B 39 9.71 0.68 40.12
CA GLN B 39 11.01 0.99 40.69
C GLN B 39 12.14 0.82 39.67
N ALA B 42 15.89 -5.69 39.63
CA ALA B 42 15.01 -5.14 40.65
C ALA B 42 15.65 -5.27 42.03
N THR B 43 14.98 -6.02 42.89
CA THR B 43 15.46 -6.36 44.22
C THR B 43 15.68 -7.87 44.29
N THR B 44 16.02 -8.37 45.48
CA THR B 44 16.21 -9.80 45.67
C THR B 44 14.95 -10.55 45.22
N PRO B 45 15.05 -11.42 44.22
CA PRO B 45 13.85 -11.98 43.62
C PRO B 45 13.16 -12.95 44.54
N PRO B 46 11.84 -13.11 44.42
CA PRO B 46 11.14 -14.13 45.19
C PRO B 46 11.50 -15.53 44.71
N SER B 47 11.19 -16.52 45.54
CA SER B 47 11.62 -17.88 45.27
C SER B 47 10.67 -18.64 44.34
N ILE B 48 9.46 -18.14 44.10
CA ILE B 48 8.63 -18.76 43.07
C ILE B 48 9.22 -18.56 41.69
N LEU B 49 10.10 -17.56 41.51
CA LEU B 49 10.81 -17.39 40.25
C LEU B 49 11.59 -18.65 39.89
N GLU B 50 12.08 -19.38 40.89
CA GLU B 50 12.78 -20.64 40.63
C GLU B 50 11.85 -21.64 39.96
N LYS B 51 10.57 -21.65 40.34
CA LYS B 51 9.60 -22.51 39.68
C LYS B 51 9.46 -22.14 38.21
N PHE B 52 9.36 -20.84 37.92
CA PHE B 52 9.20 -20.39 36.54
C PHE B 52 10.42 -20.74 35.70
N LYS B 53 11.62 -20.64 36.29
CA LYS B 53 12.82 -20.97 35.54
C LYS B 53 12.93 -22.47 35.27
N ARG B 54 12.45 -23.29 36.20
CA ARG B 54 12.39 -24.73 35.94
C ARG B 54 11.42 -25.04 34.81
N ALA B 55 10.26 -24.38 34.81
CA ALA B 55 9.31 -24.54 33.71
C ALA B 55 9.95 -24.15 32.38
N ASP B 56 10.81 -23.13 32.39
CA ASP B 56 11.50 -22.74 31.16
C ASP B 56 12.43 -23.84 30.68
N ILE B 57 13.26 -24.39 31.58
CA ILE B 57 14.19 -25.44 31.19
C ILE B 57 13.45 -26.63 30.60
N LEU B 58 12.37 -27.06 31.27
CA LEU B 58 11.64 -28.24 30.82
C LEU B 58 10.95 -27.98 29.47
N LEU B 59 10.31 -26.82 29.33
CA LEU B 59 9.61 -26.51 28.08
C LEU B 59 10.58 -26.40 26.91
N ASN B 60 11.81 -25.94 27.17
CA ASN B 60 12.80 -25.87 26.10
C ASN B 60 13.34 -27.25 25.74
N GLU B 61 13.36 -28.18 26.70
CA GLU B 61 13.66 -29.56 26.40
C GLU B 61 12.76 -30.09 25.30
N VAL B 62 11.45 -30.05 25.55
CA VAL B 62 10.48 -30.66 24.65
C VAL B 62 10.49 -29.96 23.31
N LYS B 63 10.70 -28.64 23.32
CA LYS B 63 10.84 -27.92 22.05
C LYS B 63 12.13 -28.32 21.35
N ALA B 64 13.21 -28.52 22.10
CA ALA B 64 14.49 -28.92 21.51
C ALA B 64 14.40 -30.27 20.80
N GLU B 65 13.37 -31.07 21.08
CA GLU B 65 13.23 -32.35 20.39
C GLU B 65 13.06 -32.19 18.89
N MET B 66 12.64 -31.01 18.42
CA MET B 66 12.47 -30.75 17.00
C MET B 66 13.77 -30.40 16.29
N ASP B 67 14.85 -30.15 17.04
CA ASP B 67 16.11 -29.74 16.44
C ASP B 67 16.62 -30.66 15.33
N PRO B 68 16.61 -32.00 15.47
CA PRO B 68 17.09 -32.82 14.35
C PRO B 68 16.34 -32.57 13.06
N LEU B 69 15.03 -32.38 13.14
CA LEU B 69 14.22 -32.17 11.95
C LEU B 69 14.50 -30.84 11.28
N MET B 70 15.13 -29.89 11.99
CA MET B 70 15.41 -28.57 11.44
C MET B 70 16.67 -28.53 10.58
N LEU B 71 17.52 -29.56 10.65
CA LEU B 71 18.84 -29.48 10.06
C LEU B 71 18.79 -29.53 8.53
N GLN B 72 17.97 -30.41 7.97
CA GLN B 72 17.84 -30.38 6.53
C GLN B 72 16.44 -29.89 6.15
N PRO B 73 16.33 -29.06 5.10
CA PRO B 73 15.01 -28.52 4.74
C PRO B 73 13.98 -29.57 4.37
N GLU B 74 14.39 -30.77 3.98
CA GLU B 74 13.45 -31.85 3.69
C GLU B 74 12.61 -32.18 4.92
N THR B 75 13.29 -32.47 6.04
CA THR B 75 12.57 -32.79 7.27
C THR B 75 11.94 -31.54 7.87
N GLU B 76 12.50 -30.36 7.61
CA GLU B 76 11.86 -29.13 8.07
C GLU B 76 10.50 -28.96 7.43
N LYS B 77 10.37 -29.25 6.14
CA LYS B 77 9.07 -29.13 5.49
C LYS B 77 8.11 -30.20 6.00
N LYS B 78 8.59 -31.44 6.15
CA LYS B 78 7.73 -32.52 6.63
C LYS B 78 7.22 -32.23 8.04
N LEU B 79 8.07 -31.65 8.89
CA LEU B 79 7.65 -31.35 10.26
C LEU B 79 6.46 -30.40 10.28
N PHE B 80 6.45 -29.41 9.39
CA PHE B 80 5.39 -28.42 9.39
C PHE B 80 4.13 -28.91 8.67
N GLN B 81 4.25 -29.91 7.79
CA GLN B 81 3.05 -30.57 7.27
C GLN B 81 2.35 -31.37 8.36
N ILE B 82 3.11 -32.13 9.14
CA ILE B 82 2.54 -32.86 10.27
C ILE B 82 1.87 -31.90 11.24
N LEU B 83 2.53 -30.76 11.50
CA LEU B 83 1.92 -29.76 12.37
C LEU B 83 0.68 -29.14 11.73
N SER B 84 0.69 -28.98 10.40
CA SER B 84 -0.53 -28.60 9.71
C SER B 84 -1.60 -29.68 9.84
N SER B 85 -1.20 -30.95 9.71
CA SER B 85 -2.16 -32.04 9.72
C SER B 85 -2.93 -32.13 11.03
N ILE B 86 -2.33 -31.71 12.14
CA ILE B 86 -2.94 -31.89 13.45
C ILE B 86 -3.56 -30.59 13.99
N ASP B 87 -3.69 -29.56 13.15
CA ASP B 87 -4.52 -28.41 13.49
C ASP B 87 -5.97 -28.81 13.29
N MET B 88 -6.72 -28.92 14.38
CA MET B 88 -8.04 -29.52 14.35
C MET B 88 -9.13 -28.56 13.85
N PHE B 89 -8.80 -27.30 13.59
CA PHE B 89 -9.82 -26.32 13.24
C PHE B 89 -9.63 -25.72 11.86
N LYS B 90 -8.61 -26.13 11.11
CA LYS B 90 -8.31 -25.51 9.83
C LYS B 90 -9.48 -25.62 8.85
N GLY B 91 -10.17 -26.77 8.87
CA GLY B 91 -11.29 -26.97 7.96
C GLY B 91 -12.52 -26.16 8.29
N LEU B 92 -12.63 -25.68 9.54
CA LEU B 92 -13.79 -24.88 9.94
C LEU B 92 -13.76 -23.48 9.34
N ARG B 93 -12.57 -22.98 9.01
CA ARG B 93 -12.46 -21.65 8.39
C ARG B 93 -13.21 -21.60 7.06
N LYS B 94 -12.94 -22.56 6.18
CA LYS B 94 -13.66 -22.63 4.91
C LYS B 94 -15.17 -22.69 5.14
N LYS B 95 -15.59 -23.51 6.11
CA LYS B 95 -17.00 -23.63 6.45
C LYS B 95 -17.58 -22.29 6.89
N VAL B 96 -16.87 -21.59 7.78
CA VAL B 96 -17.37 -20.32 8.32
C VAL B 96 -17.51 -19.28 7.23
N GLU B 97 -16.48 -19.16 6.37
CA GLU B 97 -16.53 -18.18 5.29
C GLU B 97 -17.69 -18.46 4.34
N PHE B 98 -17.90 -19.74 4.01
CA PHE B 98 -18.92 -20.12 3.04
C PHE B 98 -20.32 -19.93 3.62
N THR B 99 -20.57 -20.47 4.81
CA THR B 99 -21.93 -20.48 5.35
C THR B 99 -22.36 -19.10 5.85
N TYR B 100 -21.43 -18.29 6.35
CA TYR B 100 -21.79 -17.15 7.19
C TYR B 100 -21.28 -15.81 6.69
N ASN B 101 -20.78 -15.74 5.45
CA ASN B 101 -20.29 -14.50 4.86
C ASN B 101 -19.09 -13.91 5.61
N ALA B 102 -18.35 -14.74 6.32
CA ALA B 102 -17.21 -14.24 7.07
C ALA B 102 -16.06 -13.91 6.13
N GLN B 103 -15.34 -12.84 6.45
CA GLN B 103 -14.20 -12.40 5.66
C GLN B 103 -12.90 -12.60 6.42
N ILE B 104 -11.82 -12.82 5.68
CA ILE B 104 -10.48 -12.94 6.25
C ILE B 104 -10.51 -13.96 7.37
N VAL B 105 -11.10 -15.12 7.12
CA VAL B 105 -11.18 -16.15 8.15
C VAL B 105 -9.87 -16.91 8.21
N THR B 106 -8.84 -16.25 8.72
CA THR B 106 -7.62 -16.91 9.15
C THR B 106 -7.88 -17.60 10.49
N ASN B 107 -6.85 -18.28 10.99
CA ASN B 107 -6.93 -18.78 12.36
C ASN B 107 -7.11 -17.63 13.35
N ALA B 108 -6.62 -16.44 13.00
CA ALA B 108 -6.81 -15.28 13.86
C ALA B 108 -8.28 -14.91 13.99
N TRP B 109 -9.03 -15.03 12.89
CA TRP B 109 -10.48 -14.80 12.96
C TRP B 109 -11.13 -15.72 13.97
N LEU B 110 -10.83 -17.03 13.88
CA LEU B 110 -11.37 -18.00 14.83
C LEU B 110 -10.96 -17.65 16.25
N LYS B 111 -9.68 -17.34 16.46
CA LYS B 111 -9.19 -17.05 17.80
C LYS B 111 -9.93 -15.87 18.41
N MET B 112 -10.09 -14.78 17.64
CA MET B 112 -10.79 -13.62 18.17
C MET B 112 -12.27 -13.90 18.38
N TYR B 113 -12.91 -14.58 17.43
CA TYR B 113 -14.33 -14.88 17.59
C TYR B 113 -14.57 -15.72 18.84
N GLU B 114 -13.72 -16.72 19.07
CA GLU B 114 -13.84 -17.54 20.27
C GLU B 114 -13.52 -16.72 21.52
N LEU B 115 -12.53 -15.82 21.43
CA LEU B 115 -12.24 -14.92 22.54
C LEU B 115 -13.44 -14.05 22.88
N LEU B 116 -14.11 -13.51 21.85
CA LEU B 116 -15.23 -12.60 22.07
C LEU B 116 -16.42 -13.32 22.69
N ASN B 117 -16.64 -14.58 22.30
CA ASN B 117 -17.83 -15.29 22.77
C ASN B 117 -17.73 -15.63 24.25
N THR B 118 -16.52 -15.91 24.74
CA THR B 118 -16.32 -16.43 26.09
C THR B 118 -15.96 -15.36 27.10
N MET B 119 -15.31 -14.29 26.69
CA MET B 119 -14.82 -13.30 27.65
C MET B 119 -15.91 -12.36 28.16
N ASN B 120 -17.02 -12.24 27.44
CA ASN B 120 -18.15 -11.40 27.85
C ASN B 120 -17.71 -9.97 28.14
N PHE B 121 -17.23 -9.31 27.08
CA PHE B 121 -16.77 -7.93 27.20
C PHE B 121 -17.95 -6.98 27.35
N ASN B 122 -17.77 -5.94 28.17
CA ASN B 122 -18.86 -5.00 28.38
C ASN B 122 -19.16 -4.17 27.15
N ASN B 123 -18.18 -3.99 26.26
CA ASN B 123 -18.35 -3.18 25.07
C ASN B 123 -17.21 -3.40 24.09
N THR B 124 -17.53 -3.62 22.81
CA THR B 124 -16.53 -3.87 21.77
C THR B 124 -16.80 -3.03 20.53
N SER B 125 -17.44 -1.88 20.69
CA SER B 125 -17.96 -1.09 19.57
C SER B 125 -16.96 -0.09 19.02
N GLN B 126 -15.75 -0.03 19.58
CA GLN B 126 -14.74 0.95 19.19
C GLN B 126 -13.38 0.27 19.41
N ALA B 127 -12.90 -0.42 18.40
CA ALA B 127 -11.71 -1.26 18.53
C ALA B 127 -10.49 -0.57 17.93
N PHE B 128 -9.38 -0.64 18.65
CA PHE B 128 -8.06 -0.31 18.12
C PHE B 128 -7.25 -1.60 18.11
N CYS B 129 -6.90 -2.08 16.92
CA CYS B 129 -6.24 -3.37 16.73
C CYS B 129 -4.82 -3.12 16.25
N ASN B 130 -3.85 -3.31 17.13
CA ASN B 130 -2.45 -3.06 16.80
C ASN B 130 -1.73 -4.35 16.43
N CYS B 131 -0.81 -4.25 15.48
CA CYS B 131 -0.01 -5.38 14.98
C CYS B 131 -0.89 -6.45 14.33
N GLU B 132 -1.73 -6.02 13.37
CA GLU B 132 -2.69 -6.93 12.73
C GLU B 132 -2.83 -6.56 11.23
N LEU B 133 -1.78 -6.81 10.47
CA LEU B 133 -1.90 -6.55 9.04
C LEU B 133 -2.83 -7.53 8.31
N PRO B 134 -2.80 -8.84 8.59
CA PRO B 134 -3.75 -9.73 7.89
C PRO B 134 -5.19 -9.26 8.00
N GLY B 135 -5.58 -8.78 9.18
CA GLY B 135 -6.93 -8.32 9.40
C GLY B 135 -7.88 -9.34 9.98
N GLY B 136 -7.35 -10.42 10.56
CA GLY B 136 -8.24 -11.42 11.15
C GLY B 136 -9.01 -10.90 12.34
N PHE B 137 -8.30 -10.26 13.28
CA PHE B 137 -8.95 -9.75 14.49
C PHE B 137 -10.04 -8.74 14.16
N ILE B 138 -9.78 -7.83 13.23
CA ILE B 138 -10.76 -6.80 12.89
C ILE B 138 -12.00 -7.43 12.27
N SER B 139 -11.80 -8.43 11.41
CA SER B 139 -12.95 -9.06 10.76
C SER B 139 -13.82 -9.80 11.76
N ALA B 140 -13.21 -10.54 12.69
CA ALA B 140 -13.98 -11.23 13.70
C ALA B 140 -14.77 -10.24 14.57
N ILE B 141 -14.17 -9.10 14.88
CA ILE B 141 -14.89 -8.10 15.68
C ILE B 141 -16.04 -7.50 14.88
N ASN B 142 -15.80 -7.19 13.60
CA ASN B 142 -16.87 -6.68 12.75
C ASN B 142 -18.01 -7.68 12.64
N HIS B 143 -17.67 -8.96 12.43
CA HIS B 143 -18.68 -10.01 12.35
C HIS B 143 -19.43 -10.16 13.66
N PHE B 144 -18.69 -10.26 14.77
CA PHE B 144 -19.31 -10.41 16.09
C PHE B 144 -20.23 -9.23 16.39
N ASN B 145 -19.77 -8.01 16.09
CA ASN B 145 -20.50 -6.82 16.51
C ASN B 145 -21.83 -6.68 15.78
N TYR B 146 -21.89 -7.07 14.51
CA TYR B 146 -23.13 -6.89 13.77
C TYR B 146 -24.09 -8.06 14.02
N THR B 147 -23.57 -9.29 14.00
CA THR B 147 -24.43 -10.47 14.08
C THR B 147 -24.80 -10.84 15.53
N MET B 148 -23.91 -10.58 16.49
CA MET B 148 -24.15 -11.00 17.87
C MET B 148 -24.53 -9.86 18.79
N MET B 149 -23.89 -8.70 18.66
CA MET B 149 -24.20 -7.56 19.51
C MET B 149 -25.22 -6.62 18.88
N HIS B 150 -25.47 -6.74 17.58
CA HIS B 150 -26.43 -5.91 16.87
C HIS B 150 -26.12 -4.43 17.09
N TYR B 151 -24.85 -4.10 16.93
CA TYR B 151 -24.42 -2.72 17.08
C TYR B 151 -24.88 -1.91 15.87
N PRO B 152 -25.45 -0.72 16.09
CA PRO B 152 -25.88 0.09 14.93
C PRO B 152 -24.73 0.40 13.98
N THR B 153 -23.53 0.66 14.53
CA THR B 153 -22.36 0.93 13.71
C THR B 153 -21.13 0.49 14.48
N PHE B 154 -20.03 0.32 13.74
CA PHE B 154 -18.79 -0.18 14.30
C PHE B 154 -17.64 0.71 13.85
N ASN B 155 -16.96 1.34 14.80
CA ASN B 155 -15.85 2.23 14.53
C ASN B 155 -14.55 1.59 14.97
N TRP B 156 -13.50 1.75 14.17
CA TRP B 156 -12.25 1.06 14.48
C TRP B 156 -11.07 1.77 13.83
N VAL B 157 -9.90 1.55 14.42
CA VAL B 157 -8.61 1.93 13.85
C VAL B 157 -7.65 0.75 14.00
N ALA B 158 -6.54 0.82 13.27
CA ALA B 158 -5.63 -0.32 13.23
C ALA B 158 -4.24 0.16 12.80
N SER B 159 -3.26 -0.70 13.04
CA SER B 159 -1.87 -0.43 12.65
C SER B 159 -1.13 -1.75 12.53
N SER B 160 0.00 -1.69 11.83
CA SER B 160 0.86 -2.85 11.63
C SER B 160 2.21 -2.36 11.12
N LEU B 161 3.25 -3.15 11.36
CA LEU B 161 4.57 -2.79 10.89
C LEU B 161 4.58 -2.68 9.37
N TYR B 162 4.79 -1.47 8.87
CA TYR B 162 4.95 -1.24 7.44
C TYR B 162 6.42 -0.95 7.17
N PRO B 163 7.20 -1.94 6.77
CA PRO B 163 8.64 -1.74 6.64
C PRO B 163 9.00 -0.86 5.45
N SER B 164 10.23 -0.37 5.48
CA SER B 164 10.77 0.44 4.39
C SER B 164 11.75 -0.40 3.56
N SER B 165 11.24 -1.48 2.99
CA SER B 165 12.08 -2.45 2.31
C SER B 165 11.28 -3.32 1.35
N GLU B 171 1.80 -8.63 5.86
CA GLU B 171 1.41 -8.03 4.58
C GLU B 171 -0.12 -7.95 4.49
N ASP B 172 -0.59 -7.08 3.60
CA ASP B 172 -2.01 -6.76 3.47
C ASP B 172 -2.63 -7.67 2.40
N HIS B 173 -2.74 -8.95 2.76
CA HIS B 173 -3.10 -9.99 1.79
C HIS B 173 -4.53 -9.87 1.28
N TYR B 174 -5.40 -9.13 1.99
CA TYR B 174 -6.81 -9.02 1.61
C TYR B 174 -7.19 -7.60 1.23
N GLY B 175 -6.24 -6.68 1.16
CA GLY B 175 -6.55 -5.32 0.83
C GLY B 175 -7.37 -4.57 1.86
N LEU B 176 -7.35 -5.02 3.13
CA LEU B 176 -8.03 -4.26 4.16
C LEU B 176 -7.29 -2.96 4.46
N TYR B 177 -5.97 -2.95 4.30
CA TYR B 177 -5.21 -1.73 4.54
C TYR B 177 -5.36 -0.73 3.39
N GLN B 178 -5.08 -1.18 2.16
CA GLN B 178 -5.10 -0.26 1.04
C GLN B 178 -6.51 0.25 0.73
N CYS B 179 -7.54 -0.52 1.08
CA CYS B 179 -8.91 -0.13 0.79
C CYS B 179 -9.52 0.78 1.84
N ASN B 180 -8.96 0.84 3.06
CA ASN B 180 -9.48 1.67 4.15
C ASN B 180 -8.35 2.49 4.77
N PRO B 181 -7.81 3.47 4.05
CA PRO B 181 -6.63 4.19 4.58
C PRO B 181 -6.94 5.08 5.77
N ASP B 182 -8.16 5.61 5.86
CA ASP B 182 -8.52 6.45 6.99
C ASP B 182 -8.46 5.69 8.31
N ASN B 183 -8.65 4.37 8.26
CA ASN B 183 -8.70 3.57 9.46
C ASN B 183 -7.32 3.15 9.97
N TRP B 184 -6.29 3.24 9.12
CA TRP B 184 -4.98 2.69 9.45
C TRP B 184 -4.03 3.81 9.86
N LEU B 185 -3.21 3.54 10.88
CA LEU B 185 -2.48 4.60 11.57
C LEU B 185 -1.02 4.72 11.18
N MET B 186 -0.38 3.67 10.67
CA MET B 186 1.00 3.80 10.25
C MET B 186 1.06 4.49 8.89
N GLN B 187 2.28 4.78 8.43
CA GLN B 187 2.48 5.48 7.17
C GLN B 187 3.26 4.61 6.18
N SER B 188 2.97 4.82 4.91
CA SER B 188 3.68 4.16 3.83
C SER B 188 5.14 4.62 3.79
N PRO B 189 6.04 3.80 3.22
CA PRO B 189 7.44 4.23 3.07
C PRO B 189 7.60 5.49 2.24
N LEU B 190 6.55 5.90 1.51
CA LEU B 190 6.53 7.18 0.80
C LEU B 190 6.68 8.36 1.75
N LEU B 191 6.58 8.14 3.05
CA LEU B 191 6.71 9.20 4.04
C LEU B 191 7.91 9.02 4.96
N LYS B 192 8.84 8.13 4.61
CA LYS B 192 10.15 8.20 5.24
C LYS B 192 10.77 9.56 4.97
N LYS B 193 11.79 9.89 5.77
CA LYS B 193 12.43 11.21 5.77
C LYS B 193 11.52 12.25 6.44
N ASN B 194 10.22 12.02 6.50
CA ASN B 194 9.38 12.85 7.36
C ASN B 194 9.88 12.73 8.79
N ILE B 195 9.91 13.87 9.49
CA ILE B 195 10.48 13.89 10.84
C ILE B 195 9.70 12.97 11.77
N ASP B 196 8.38 12.95 11.64
CA ASP B 196 7.49 12.18 12.50
C ASP B 196 7.00 10.90 11.84
N TYR B 197 7.80 10.33 10.93
CA TYR B 197 7.43 9.12 10.23
C TYR B 197 7.12 7.99 11.21
N ASN B 198 5.97 7.36 11.03
CA ASN B 198 5.53 6.23 11.86
C ASN B 198 5.32 5.04 10.95
N ASN B 199 6.26 4.10 10.98
CA ASN B 199 6.17 2.88 10.19
C ASN B 199 5.45 1.76 10.92
N GLY B 200 5.00 1.99 12.15
CA GLY B 200 4.31 0.99 12.92
C GLY B 200 5.18 0.06 13.72
N ASP B 201 6.46 0.38 13.91
CA ASP B 201 7.30 -0.41 14.81
C ASP B 201 7.01 0.03 16.23
N VAL B 202 6.38 -0.85 17.01
CA VAL B 202 5.96 -0.51 18.36
C VAL B 202 7.10 -0.77 19.35
N THR B 203 8.27 -1.12 18.83
CA THR B 203 9.47 -1.12 19.66
C THR B 203 10.11 0.26 19.76
N ILE B 204 9.61 1.23 18.99
CA ILE B 204 10.14 2.58 18.96
C ILE B 204 9.24 3.48 19.80
N ALA B 205 9.80 4.09 20.85
CA ALA B 205 9.00 4.80 21.83
C ALA B 205 8.15 5.89 21.20
N SER B 206 8.72 6.64 20.27
CA SER B 206 7.97 7.74 19.64
C SER B 206 6.83 7.20 18.79
N ASN B 207 7.01 6.04 18.15
CA ASN B 207 5.92 5.43 17.39
C ASN B 207 4.76 5.06 18.31
N VAL B 208 5.06 4.57 19.51
CA VAL B 208 4.01 4.17 20.45
C VAL B 208 3.19 5.38 20.87
N LYS B 209 3.87 6.47 21.23
CA LYS B 209 3.16 7.70 21.59
C LYS B 209 2.34 8.22 20.42
N ASN B 210 2.89 8.16 19.21
CA ASN B 210 2.21 8.67 18.03
C ASN B 210 0.98 7.84 17.69
N LEU B 211 1.10 6.50 17.78
CA LEU B 211 -0.04 5.64 17.49
C LEU B 211 -1.18 5.88 18.47
N ALA B 212 -0.85 6.03 19.75
CA ALA B 212 -1.88 6.25 20.76
C ALA B 212 -2.56 7.61 20.58
N LEU B 213 -1.76 8.66 20.31
CA LEU B 213 -2.35 9.95 20.03
C LEU B 213 -3.27 9.89 18.81
N ARG B 214 -2.80 9.25 17.73
CA ARG B 214 -3.61 9.15 16.53
C ARG B 214 -4.90 8.38 16.78
N ALA B 215 -4.81 7.27 17.54
CA ALA B 215 -6.00 6.47 17.82
C ALA B 215 -7.05 7.29 18.58
N THR B 216 -6.62 8.08 19.56
CA THR B 216 -7.59 8.83 20.36
C THR B 216 -8.21 9.97 19.58
N GLN B 217 -7.50 10.52 18.58
CA GLN B 217 -8.08 11.56 17.76
C GLN B 217 -9.24 11.03 16.93
N ARG B 218 -9.06 9.88 16.30
CA ARG B 218 -10.05 9.31 15.39
C ARG B 218 -10.99 8.32 16.07
N LEU B 219 -10.96 8.22 17.40
CA LEU B 219 -11.78 7.23 18.10
C LEU B 219 -11.90 7.60 19.57
N THR B 220 -13.11 7.97 20.01
CA THR B 220 -13.33 8.25 21.42
C THR B 220 -14.77 7.94 21.81
N PRO B 221 -14.97 7.08 22.81
CA PRO B 221 -13.95 6.35 23.57
C PRO B 221 -13.32 5.22 22.79
N ILE B 222 -12.31 4.54 23.35
CA ILE B 222 -11.79 3.29 22.81
C ILE B 222 -12.13 2.20 23.82
N HIS B 223 -13.00 1.28 23.42
CA HIS B 223 -13.51 0.24 24.31
C HIS B 223 -12.74 -1.07 24.22
N LEU B 224 -11.96 -1.26 23.16
CA LEU B 224 -11.29 -2.54 22.95
C LEU B 224 -9.98 -2.31 22.23
N TYR B 225 -8.87 -2.64 22.89
CA TYR B 225 -7.57 -2.66 22.27
C TYR B 225 -7.13 -4.12 22.12
N THR B 226 -6.63 -4.46 20.94
CA THR B 226 -6.04 -5.77 20.72
C THR B 226 -4.64 -5.61 20.15
N ALA B 227 -3.73 -6.44 20.64
CA ALA B 227 -2.39 -6.54 20.12
C ALA B 227 -2.13 -7.97 19.68
N ASP B 228 -1.36 -8.14 18.60
CA ASP B 228 -1.27 -9.44 17.96
C ASP B 228 0.10 -9.70 17.35
N GLY B 229 1.14 -9.11 17.91
CA GLY B 229 2.46 -9.16 17.31
C GLY B 229 3.32 -10.30 17.79
N GLY B 230 4.27 -10.68 16.94
CA GLY B 230 5.24 -11.70 17.26
C GLY B 230 6.39 -11.65 16.28
N ILE B 231 7.62 -11.56 16.80
CA ILE B 231 8.80 -11.61 15.96
C ILE B 231 8.90 -12.99 15.32
N ASN B 232 9.32 -13.03 14.06
CA ASN B 232 9.47 -14.29 13.35
C ASN B 232 10.78 -14.95 13.79
N VAL B 233 10.71 -15.71 14.88
CA VAL B 233 11.88 -16.46 15.31
C VAL B 233 12.27 -17.44 14.23
N GLY B 234 13.56 -17.49 13.92
CA GLY B 234 14.04 -18.35 12.86
C GLY B 234 14.13 -19.79 13.30
N HIS B 235 13.00 -20.37 13.68
CA HIS B 235 12.91 -21.74 14.17
C HIS B 235 13.77 -21.93 15.42
N ASP B 236 14.29 -20.84 15.96
CA ASP B 236 14.95 -20.79 17.26
C ASP B 236 13.90 -20.40 18.29
N TYR B 237 13.05 -21.36 18.64
CA TYR B 237 11.90 -21.06 19.50
C TYR B 237 12.26 -20.97 20.98
N ASN B 238 13.44 -21.46 21.39
CA ASN B 238 13.77 -21.43 22.82
C ASN B 238 14.05 -20.04 23.33
N LYS B 239 14.06 -19.02 22.47
CA LYS B 239 14.26 -17.64 22.88
C LYS B 239 13.08 -16.75 22.49
N GLN B 240 11.96 -17.33 22.08
CA GLN B 240 10.83 -16.56 21.56
C GLN B 240 10.38 -15.47 22.53
N GLU B 241 10.31 -15.80 23.83
CA GLU B 241 9.89 -14.82 24.82
C GLU B 241 10.91 -13.69 24.94
N GLU B 242 12.20 -14.03 25.01
CA GLU B 242 13.24 -13.01 25.06
C GLU B 242 13.18 -12.12 23.82
N LEU B 243 13.05 -12.73 22.65
CA LEU B 243 13.11 -11.98 21.40
C LEU B 243 11.88 -11.11 21.18
N ASN B 244 10.80 -11.36 21.90
CA ASN B 244 9.57 -10.58 21.77
C ASN B 244 9.35 -9.67 22.98
N LEU B 245 10.25 -9.68 23.96
CA LEU B 245 10.07 -8.89 25.18
C LEU B 245 9.81 -7.42 24.86
N LYS B 246 10.69 -6.82 24.06
CA LYS B 246 10.54 -5.39 23.73
C LYS B 246 9.33 -5.14 22.85
N LEU B 247 9.10 -6.02 21.86
CA LEU B 247 7.96 -5.85 20.97
C LEU B 247 6.65 -5.88 21.75
N HIS B 248 6.49 -6.86 22.64
CA HIS B 248 5.25 -7.00 23.40
C HIS B 248 5.06 -5.85 24.38
N PHE B 249 6.16 -5.37 24.98
CA PHE B 249 6.08 -4.21 25.86
C PHE B 249 5.53 -2.99 25.13
N GLY B 250 5.88 -2.85 23.84
CA GLY B 250 5.37 -1.77 23.03
C GLY B 250 3.93 -1.97 22.62
N GLN B 251 3.56 -3.22 22.35
CA GLN B 251 2.15 -3.59 22.27
C GLN B 251 1.39 -3.04 23.47
N ALA B 252 1.89 -3.37 24.67
CA ALA B 252 1.20 -3.02 25.90
C ALA B 252 1.10 -1.51 26.07
N LEU B 253 2.23 -0.82 25.94
CA LEU B 253 2.25 0.63 26.16
C LEU B 253 1.30 1.35 25.20
N THR B 254 1.22 0.88 23.97
CA THR B 254 0.29 1.48 23.00
C THR B 254 -1.13 1.41 23.52
N GLY B 255 -1.56 0.24 23.98
CA GLY B 255 -2.93 0.09 24.46
C GLY B 255 -3.21 0.91 25.71
N LEU B 256 -2.33 0.79 26.71
CA LEU B 256 -2.52 1.50 27.96
C LEU B 256 -2.37 3.02 27.80
N LEU B 257 -1.91 3.49 26.66
CA LEU B 257 -1.93 4.91 26.33
C LEU B 257 -3.18 5.30 25.54
N SER B 258 -3.95 4.34 25.05
CA SER B 258 -5.10 4.60 24.20
C SER B 258 -6.43 4.11 24.77
N LEU B 259 -6.42 3.12 25.66
CA LEU B 259 -7.64 2.46 26.09
C LEU B 259 -8.39 3.33 27.09
N SER B 260 -9.64 3.64 26.79
CA SER B 260 -10.47 4.43 27.69
C SER B 260 -10.79 3.65 28.96
N LYS B 261 -10.98 4.39 30.05
CA LYS B 261 -11.50 3.80 31.27
C LYS B 261 -12.76 3.01 30.97
N GLY B 262 -12.85 1.83 31.58
CA GLY B 262 -13.93 0.91 31.27
C GLY B 262 -13.68 0.00 30.09
N GLY B 263 -12.61 0.24 29.33
CA GLY B 263 -12.33 -0.54 28.14
C GLY B 263 -11.68 -1.87 28.43
N ASN B 264 -11.46 -2.63 27.35
CA ASN B 264 -10.92 -3.98 27.46
C ASN B 264 -9.73 -4.13 26.52
N MET B 265 -8.92 -5.16 26.79
CA MET B 265 -7.60 -5.30 26.20
C MET B 265 -7.30 -6.77 25.95
N ILE B 266 -6.65 -7.06 24.82
CA ILE B 266 -6.29 -8.42 24.42
C ILE B 266 -4.90 -8.36 23.78
N LEU B 267 -3.91 -8.94 24.44
CA LEU B 267 -2.53 -8.90 23.98
C LEU B 267 -2.00 -10.32 23.80
N LYS B 268 -1.33 -10.56 22.68
CA LYS B 268 -0.70 -11.85 22.45
C LYS B 268 0.64 -11.93 23.16
N HIS B 269 0.92 -13.09 23.75
CA HIS B 269 2.18 -13.34 24.42
C HIS B 269 2.62 -14.75 24.08
N TYR B 270 3.66 -15.23 24.75
CA TYR B 270 4.09 -16.61 24.54
C TYR B 270 4.22 -17.33 25.88
N THR B 271 5.45 -17.56 26.37
CA THR B 271 5.61 -18.53 27.46
C THR B 271 5.37 -17.94 28.84
N LEU B 272 5.77 -16.68 29.07
CA LEU B 272 5.54 -15.98 30.34
C LEU B 272 6.38 -16.57 31.49
N ASN B 273 7.66 -16.87 31.21
CA ASN B 273 8.57 -17.34 32.24
C ASN B 273 9.58 -16.30 32.69
N HIS B 274 9.87 -15.31 31.84
CA HIS B 274 10.84 -14.27 32.13
C HIS B 274 10.31 -13.31 33.19
N ALA B 275 11.22 -12.80 34.02
CA ALA B 275 10.80 -11.93 35.13
C ALA B 275 10.22 -10.62 34.63
N PHE B 276 10.62 -10.17 33.44
CA PHE B 276 10.04 -8.95 32.89
C PHE B 276 8.59 -9.17 32.47
N THR B 277 8.31 -10.33 31.88
CA THR B 277 6.93 -10.67 31.55
C THR B 277 6.06 -10.75 32.80
N LEU B 278 6.57 -11.41 33.83
CA LEU B 278 5.84 -11.48 35.10
C LEU B 278 5.66 -10.09 35.68
N SER B 279 6.67 -9.23 35.57
CA SER B 279 6.56 -7.87 36.07
C SER B 279 5.53 -7.06 35.29
N LEU B 280 5.40 -7.31 33.99
CA LEU B 280 4.43 -6.56 33.18
C LEU B 280 3.00 -6.95 33.53
N ILE B 281 2.75 -8.25 33.71
CA ILE B 281 1.45 -8.71 34.20
C ILE B 281 1.17 -8.10 35.57
N CYS B 282 2.20 -7.95 36.40
CA CYS B 282 2.04 -7.30 37.69
C CYS B 282 1.58 -5.86 37.52
N VAL B 283 2.08 -5.16 36.50
CA VAL B 283 1.59 -3.82 36.20
C VAL B 283 0.12 -3.88 35.78
N PHE B 284 -0.19 -4.76 34.83
CA PHE B 284 -1.57 -4.92 34.37
C PHE B 284 -2.54 -5.09 35.54
N SER B 285 -2.08 -5.76 36.60
CA SER B 285 -2.91 -6.04 37.77
C SER B 285 -3.58 -4.82 38.37
N HIS B 286 -3.04 -3.63 38.12
CA HIS B 286 -3.56 -2.41 38.74
C HIS B 286 -4.57 -1.68 37.86
N PHE B 287 -4.75 -2.11 36.62
CA PHE B 287 -5.50 -1.30 35.66
C PHE B 287 -6.82 -1.91 35.24
N PHE B 288 -7.10 -3.16 35.59
CA PHE B 288 -8.32 -3.81 35.13
C PHE B 288 -9.06 -4.43 36.30
N GLU B 289 -10.39 -4.40 36.19
CA GLU B 289 -11.22 -5.05 37.19
C GLU B 289 -11.02 -6.56 37.18
N GLU B 290 -10.89 -7.14 35.99
CA GLU B 290 -10.59 -8.56 35.83
C GLU B 290 -9.39 -8.72 34.90
N LEU B 291 -8.70 -9.84 35.04
CA LEU B 291 -7.50 -10.11 34.25
C LEU B 291 -7.33 -11.61 34.12
N TYR B 292 -7.28 -12.10 32.89
CA TYR B 292 -7.19 -13.52 32.60
C TYR B 292 -6.01 -13.80 31.69
N ILE B 293 -5.33 -14.92 31.92
CA ILE B 293 -4.45 -15.53 30.95
C ILE B 293 -5.24 -16.64 30.27
N THR B 294 -5.29 -16.61 28.94
CA THR B 294 -6.19 -17.49 28.21
C THR B 294 -5.47 -18.18 27.06
N LYS B 295 -6.03 -19.33 26.67
CA LYS B 295 -5.61 -20.06 25.48
C LYS B 295 -6.87 -20.61 24.82
N PRO B 296 -7.37 -19.97 23.77
CA PRO B 296 -8.52 -20.52 23.04
C PRO B 296 -8.14 -21.82 22.33
N THR B 297 -9.17 -22.62 22.03
CA THR B 297 -8.93 -23.90 21.37
C THR B 297 -8.46 -23.71 19.94
N SER B 298 -8.90 -22.64 19.27
CA SER B 298 -8.41 -22.36 17.93
C SER B 298 -6.96 -21.93 17.92
N SER B 299 -6.40 -21.54 19.07
CA SER B 299 -4.97 -21.28 19.18
C SER B 299 -4.24 -22.61 19.26
N ARG B 300 -3.31 -22.83 18.34
CA ARG B 300 -2.64 -24.12 18.20
C ARG B 300 -2.05 -24.55 19.54
N PRO B 301 -2.52 -25.67 20.10
CA PRO B 301 -1.99 -26.13 21.40
C PRO B 301 -0.53 -26.50 21.35
N THR B 302 0.06 -26.68 20.17
CA THR B 302 1.46 -27.04 20.05
C THR B 302 2.39 -25.85 20.26
N ASN B 303 1.89 -24.62 20.11
CA ASN B 303 2.72 -23.43 20.34
C ASN B 303 2.39 -22.81 21.69
N SER B 304 3.22 -21.84 22.08
CA SER B 304 3.17 -21.22 23.40
C SER B 304 2.29 -19.98 23.44
N GLU B 305 1.56 -19.69 22.37
CA GLU B 305 0.76 -18.48 22.27
C GLU B 305 -0.25 -18.38 23.42
N THR B 306 -0.30 -17.21 24.04
CA THR B 306 -1.26 -16.92 25.11
C THR B 306 -1.84 -15.53 24.88
N TYR B 307 -3.05 -15.32 25.39
CA TYR B 307 -3.72 -14.04 25.25
C TYR B 307 -4.10 -13.51 26.62
N ILE B 308 -3.44 -12.44 27.03
CA ILE B 308 -3.78 -11.74 28.26
C ILE B 308 -5.00 -10.86 28.01
N VAL B 309 -6.03 -11.03 28.82
CA VAL B 309 -7.29 -10.31 28.64
C VAL B 309 -7.55 -9.48 29.89
N GLY B 310 -7.68 -8.17 29.70
CA GLY B 310 -8.11 -7.27 30.77
C GLY B 310 -9.51 -6.76 30.48
N LYS B 311 -10.35 -6.79 31.51
CA LYS B 311 -11.73 -6.34 31.41
C LYS B 311 -11.93 -5.13 32.30
N ASN B 312 -12.59 -4.10 31.78
CA ASN B 312 -13.00 -2.94 32.56
C ASN B 312 -11.81 -2.20 33.14
N ARG B 313 -11.24 -1.27 32.38
CA ARG B 313 -10.07 -0.53 32.83
C ARG B 313 -10.46 0.42 33.96
N LEU B 314 -9.82 0.27 35.12
CA LEU B 314 -10.21 1.01 36.31
C LEU B 314 -9.70 2.44 36.30
N ARG B 315 -8.53 2.69 35.71
CA ARG B 315 -7.92 4.02 35.75
C ARG B 315 -6.85 4.11 34.68
N LEU B 316 -6.59 5.34 34.24
CA LEU B 316 -5.55 5.61 33.26
C LEU B 316 -4.22 5.83 33.96
N PHE B 317 -3.16 5.93 33.15
CA PHE B 317 -1.84 6.23 33.67
C PHE B 317 -1.82 7.55 34.42
N THR B 318 -0.91 7.65 35.37
CA THR B 318 -0.52 8.96 35.86
C THR B 318 0.59 9.51 34.99
N PRO B 319 0.79 10.83 34.95
CA PRO B 319 1.86 11.39 34.12
C PRO B 319 3.23 10.81 34.45
N LYS B 320 3.48 10.50 35.72
CA LYS B 320 4.76 9.91 36.11
C LYS B 320 4.88 8.49 35.57
N GLU B 321 3.83 7.68 35.71
CA GLU B 321 3.84 6.32 35.17
C GLU B 321 4.13 6.33 33.69
N GLU B 322 3.56 7.28 32.96
CA GLU B 322 3.78 7.40 31.52
C GLU B 322 5.26 7.64 31.20
N GLN B 323 5.90 8.54 31.95
CA GLN B 323 7.28 8.88 31.67
C GLN B 323 8.20 7.67 31.84
N VAL B 324 8.10 6.99 32.99
CA VAL B 324 9.01 5.89 33.30
C VAL B 324 8.86 4.76 32.29
N LEU B 325 7.61 4.38 32.00
CA LEU B 325 7.38 3.24 31.11
C LEU B 325 7.79 3.57 29.67
N LEU B 326 7.48 4.78 29.21
CA LEU B 326 7.94 5.20 27.88
C LEU B 326 9.46 5.28 27.83
N LYS B 327 10.09 5.62 28.95
CA LYS B 327 11.55 5.68 28.98
C LYS B 327 12.15 4.29 28.89
N ARG B 328 11.54 3.31 29.54
CA ARG B 328 12.04 1.94 29.45
C ARG B 328 12.00 1.44 28.00
N LEU B 329 10.94 1.76 27.27
CA LEU B 329 10.89 1.36 25.86
C LEU B 329 11.95 2.08 25.05
N GLU B 330 12.30 3.30 25.44
CA GLU B 330 13.33 4.03 24.70
C GLU B 330 14.72 3.45 24.96
N PHE B 331 14.98 3.02 26.19
CA PHE B 331 16.27 2.42 26.57
C PHE B 331 15.96 1.11 27.29
N PHE B 332 15.79 0.05 26.52
CA PHE B 332 15.18 -1.18 27.02
C PHE B 332 16.20 -2.11 27.68
N ASN B 333 15.72 -2.83 28.70
CA ASN B 333 16.49 -3.90 29.31
C ASN B 333 15.56 -4.81 30.10
N ASP B 334 16.10 -5.98 30.48
CA ASP B 334 15.33 -7.10 31.01
C ASP B 334 14.77 -6.86 32.41
N THR B 335 15.23 -5.84 33.12
CA THR B 335 15.00 -5.77 34.55
C THR B 335 13.50 -5.71 34.87
N PRO B 336 13.06 -6.33 35.96
CA PRO B 336 11.63 -6.33 36.27
C PRO B 336 11.11 -4.92 36.52
N LEU B 337 9.93 -4.65 35.97
CA LEU B 337 9.32 -3.33 36.11
C LEU B 337 8.96 -3.03 37.55
N VAL B 338 8.62 -4.06 38.33
CA VAL B 338 8.18 -3.89 39.70
C VAL B 338 8.95 -4.87 40.58
N ASP B 339 8.72 -4.73 41.88
CA ASP B 339 9.28 -5.64 42.89
C ASP B 339 8.37 -6.86 42.93
N LEU B 340 8.82 -7.96 42.32
CA LEU B 340 7.96 -9.12 42.12
C LEU B 340 7.50 -9.73 43.43
N SER B 341 8.28 -9.55 44.50
CA SER B 341 7.96 -10.17 45.78
C SER B 341 6.71 -9.59 46.43
N LEU B 342 6.14 -8.52 45.88
CA LEU B 342 4.90 -7.95 46.41
C LEU B 342 3.66 -8.56 45.77
N TYR B 343 3.81 -9.55 44.91
CA TYR B 343 2.69 -10.14 44.19
C TYR B 343 2.74 -11.67 44.22
N GLN B 344 3.07 -12.25 45.38
CA GLN B 344 3.16 -13.71 45.45
C GLN B 344 1.84 -14.37 45.05
N ASN B 345 0.71 -13.79 45.48
CA ASN B 345 -0.60 -14.31 45.08
C ASN B 345 -0.75 -14.32 43.57
N LEU B 346 -0.38 -13.22 42.92
CA LEU B 346 -0.55 -13.13 41.48
C LEU B 346 0.37 -14.10 40.75
N LEU B 347 1.64 -14.16 41.15
CA LEU B 347 2.58 -15.07 40.53
C LEU B 347 2.17 -16.52 40.71
N GLU B 348 1.57 -16.85 41.86
CA GLU B 348 1.04 -18.19 42.05
C GLU B 348 -0.05 -18.51 41.03
N SER B 349 -0.90 -17.53 40.74
CA SER B 349 -1.97 -17.74 39.76
C SER B 349 -1.41 -17.80 38.35
N VAL B 350 -0.49 -16.90 38.01
CA VAL B 350 0.18 -16.99 36.71
C VAL B 350 0.88 -18.32 36.56
N TYR B 351 1.55 -18.78 37.63
CA TYR B 351 2.24 -20.05 37.56
C TYR B 351 1.27 -21.19 37.23
N PHE B 352 0.07 -21.16 37.83
CA PHE B 352 -0.93 -22.16 37.49
C PHE B 352 -1.24 -22.14 36.00
N ALA B 353 -1.41 -20.94 35.43
CA ALA B 353 -1.64 -20.83 33.99
C ALA B 353 -0.51 -21.48 33.21
N VAL B 354 0.74 -21.17 33.57
CA VAL B 354 1.88 -21.78 32.90
C VAL B 354 1.83 -23.30 33.02
N GLU B 355 1.44 -23.81 34.18
CA GLU B 355 1.38 -25.26 34.37
C GLU B 355 0.28 -25.88 33.52
N THR B 356 -0.86 -25.20 33.37
CA THR B 356 -1.94 -25.77 32.59
C THR B 356 -1.69 -25.63 31.09
N ILE B 357 -1.33 -24.42 30.65
CA ILE B 357 -1.22 -24.15 29.22
C ILE B 357 0.03 -24.80 28.64
N HIS B 358 1.16 -24.66 29.33
CA HIS B 358 2.47 -24.97 28.76
C HIS B 358 3.03 -26.29 29.24
N LEU B 359 3.15 -26.47 30.56
CA LEU B 359 3.74 -27.70 31.09
C LEU B 359 2.84 -28.90 30.85
N LYS B 360 1.52 -28.70 30.90
CA LYS B 360 0.59 -29.79 30.67
C LYS B 360 0.18 -29.86 29.20
N GLN B 361 -0.56 -28.87 28.70
CA GLN B 361 -1.17 -29.05 27.38
C GLN B 361 -0.15 -29.02 26.24
N GLN B 362 0.75 -28.03 26.23
CA GLN B 362 1.66 -27.91 25.09
C GLN B 362 2.59 -29.11 25.01
N ILE B 363 3.23 -29.47 26.13
CA ILE B 363 4.12 -30.63 26.14
C ILE B 363 3.37 -31.88 25.68
N GLU B 364 2.11 -32.01 26.11
CA GLU B 364 1.28 -33.17 25.68
C GLU B 364 1.14 -33.15 24.16
N PHE B 365 0.66 -32.04 23.58
CA PHE B 365 0.47 -31.98 22.14
C PHE B 365 1.79 -31.94 21.38
N LEU B 366 2.88 -31.51 22.03
CA LEU B 366 4.19 -31.61 21.41
C LEU B 366 4.62 -33.06 21.26
N ASN B 367 4.48 -33.86 22.33
CA ASN B 367 4.77 -35.29 22.25
C ASN B 367 3.88 -35.96 21.21
N PHE B 368 2.60 -35.60 21.17
CA PHE B 368 1.69 -36.14 20.17
C PHE B 368 2.18 -35.83 18.77
N GLY B 369 2.63 -34.60 18.54
CA GLY B 369 3.11 -34.24 17.21
C GLY B 369 4.37 -34.99 16.81
N MET B 370 5.30 -35.17 17.75
CA MET B 370 6.50 -35.96 17.46
C MET B 370 6.14 -37.40 17.14
N LYS B 371 5.15 -37.95 17.84
CA LYS B 371 4.68 -39.30 17.55
C LYS B 371 4.02 -39.37 16.19
N CYS B 372 3.23 -38.35 15.84
CA CYS B 372 2.64 -38.30 14.50
C CYS B 372 3.72 -38.19 13.44
N TYR B 373 4.78 -37.43 13.71
CA TYR B 373 5.87 -37.32 12.73
C TYR B 373 6.52 -38.66 12.47
N ARG B 374 6.81 -39.42 13.53
CA ARG B 374 7.57 -40.65 13.36
C ARG B 374 6.79 -41.71 12.60
N HIS B 375 5.47 -41.70 12.70
CA HIS B 375 4.64 -42.67 12.00
C HIS B 375 4.10 -42.18 10.66
N PHE B 376 4.19 -40.87 10.37
CA PHE B 376 3.48 -40.35 9.21
C PHE B 376 4.26 -39.29 8.42
N TYR B 377 5.57 -39.15 8.62
CA TYR B 377 6.30 -38.14 7.86
C TYR B 377 6.25 -38.40 6.36
N ASN B 378 6.11 -39.67 5.96
CA ASN B 378 5.96 -40.05 4.56
C ASN B 378 4.54 -40.50 4.24
N LYS B 379 3.59 -40.30 5.16
CA LYS B 379 2.20 -40.75 4.99
C LYS B 379 1.26 -39.64 5.47
N ILE B 380 1.38 -38.46 4.87
CA ILE B 380 0.61 -37.31 5.31
C ILE B 380 -0.87 -37.51 5.02
N LYS B 381 -1.20 -37.97 3.81
CA LYS B 381 -2.58 -38.26 3.47
C LYS B 381 -3.19 -39.29 4.41
N LEU B 382 -2.43 -40.34 4.73
CA LEU B 382 -2.91 -41.38 5.63
C LEU B 382 -3.21 -40.81 7.01
N LEU B 383 -2.36 -39.91 7.51
CA LEU B 383 -2.60 -39.28 8.80
C LEU B 383 -3.88 -38.47 8.79
N ASN B 384 -4.04 -37.61 7.79
CA ASN B 384 -5.21 -36.73 7.73
C ASN B 384 -6.51 -37.51 7.61
N ASP B 385 -6.46 -38.71 7.02
CA ASP B 385 -7.64 -39.56 6.98
C ASP B 385 -8.03 -40.03 8.38
N TYR B 386 -7.04 -40.42 9.18
CA TYR B 386 -7.31 -40.95 10.52
C TYR B 386 -7.96 -39.89 11.41
N LEU B 387 -7.47 -38.65 11.35
CA LEU B 387 -7.89 -37.60 12.26
C LEU B 387 -9.12 -36.84 11.79
N ALA B 388 -9.54 -37.03 10.53
CA ALA B 388 -10.72 -36.33 10.03
C ALA B 388 -11.92 -36.46 10.97
N PRO B 389 -12.35 -37.67 11.38
CA PRO B 389 -13.49 -37.73 12.32
C PRO B 389 -13.28 -36.98 13.61
N LYS B 390 -12.08 -37.01 14.19
CA LYS B 390 -11.86 -36.28 15.43
C LYS B 390 -11.82 -34.77 15.20
N LYS B 391 -11.33 -34.33 14.05
CA LYS B 391 -11.40 -32.91 13.72
C LYS B 391 -12.85 -32.45 13.62
N LYS B 392 -13.72 -33.29 13.04
CA LYS B 392 -15.13 -32.94 12.94
C LYS B 392 -15.75 -32.80 14.33
N ILE B 393 -15.35 -33.64 15.28
CA ILE B 393 -15.86 -33.53 16.64
C ILE B 393 -15.41 -32.23 17.27
N PHE B 394 -14.15 -31.85 17.05
CA PHE B 394 -13.64 -30.61 17.63
C PHE B 394 -14.32 -29.40 17.00
N GLN B 395 -14.60 -29.46 15.70
CA GLN B 395 -15.20 -28.31 15.04
C GLN B 395 -16.68 -28.17 15.39
N ASP B 396 -17.43 -29.28 15.43
CA ASP B 396 -18.83 -29.21 15.85
C ASP B 396 -18.96 -28.63 17.25
N ARG B 397 -18.09 -29.06 18.17
CA ARG B 397 -18.12 -28.53 19.53
C ARG B 397 -17.82 -27.04 19.53
N TRP B 398 -16.89 -26.60 18.68
CA TRP B 398 -16.61 -25.18 18.54
C TRP B 398 -17.87 -24.42 18.11
N ARG B 399 -18.61 -24.97 17.13
CA ARG B 399 -19.83 -24.31 16.68
C ARG B 399 -20.89 -24.24 17.77
N VAL B 400 -20.92 -25.22 18.66
CA VAL B 400 -21.92 -25.22 19.72
C VAL B 400 -21.57 -24.18 20.78
N LEU B 401 -20.29 -23.97 21.03
CA LEU B 401 -19.86 -23.04 22.06
C LEU B 401 -19.74 -21.60 21.56
N ASN B 402 -19.64 -21.40 20.25
CA ASN B 402 -19.46 -20.07 19.66
C ASN B 402 -20.47 -19.94 18.52
N LYS B 403 -21.65 -19.41 18.84
CA LYS B 403 -22.74 -19.37 17.88
C LYS B 403 -22.44 -18.39 16.75
N LEU B 404 -22.70 -18.82 15.53
CA LEU B 404 -22.41 -18.04 14.33
C LEU B 404 -23.70 -17.68 13.61
N TYR B 405 -23.84 -16.41 13.24
CA TYR B 405 -24.92 -15.94 12.41
C TYR B 405 -24.36 -15.26 11.17
N VAL B 406 -25.19 -15.15 10.13
CA VAL B 406 -24.74 -14.68 8.83
C VAL B 406 -24.56 -13.17 8.84
N LEU B 407 -23.45 -12.71 8.28
CA LEU B 407 -23.15 -11.29 8.19
C LEU B 407 -23.73 -10.73 6.89
N GLU B 408 -24.65 -9.77 7.03
CA GLU B 408 -25.31 -9.19 5.87
C GLU B 408 -24.30 -8.45 4.99
N LYS B 409 -24.60 -8.36 3.69
CA LYS B 409 -23.66 -7.79 2.73
C LYS B 409 -23.34 -6.34 3.08
N LYS B 410 -24.33 -5.58 3.55
CA LYS B 410 -24.11 -4.16 3.84
C LYS B 410 -23.20 -3.94 5.04
N HIS B 411 -22.75 -4.98 5.72
CA HIS B 411 -21.90 -4.83 6.89
C HIS B 411 -20.53 -5.49 6.72
N LYS B 412 -20.20 -5.93 5.51
CA LYS B 412 -18.87 -6.46 5.25
C LYS B 412 -17.85 -5.34 5.23
N LEU B 413 -16.61 -5.67 5.57
CA LEU B 413 -15.53 -4.71 5.45
C LEU B 413 -15.15 -4.53 3.99
N LYS B 414 -14.60 -3.36 3.68
CA LYS B 414 -14.13 -3.06 2.33
C LYS B 414 -12.78 -3.73 2.12
N LEU B 415 -12.73 -4.70 1.21
CA LEU B 415 -11.50 -5.40 0.89
C LEU B 415 -11.09 -5.10 -0.55
N CYS B 416 -9.82 -5.35 -0.84
CA CYS B 416 -9.26 -5.08 -2.15
C CYS B 416 -8.71 -6.34 -2.84
N ALA B 417 -8.47 -7.42 -2.11
CA ALA B 417 -8.05 -8.68 -2.71
C ALA B 417 -9.16 -9.72 -2.62
#